data_9KUG
#
_entry.id   9KUG
#
_cell.length_a   1.00
_cell.length_b   1.00
_cell.length_c   1.00
_cell.angle_alpha   90.00
_cell.angle_beta   90.00
_cell.angle_gamma   90.00
#
_symmetry.space_group_name_H-M   'P 1'
#
loop_
_entity.id
_entity.type
_entity.pdbx_description
1 polymer 'Muscarinic acetylcholine receptor M4,C5a anaphylatoxin chemotactic receptor 1'
2 polymer 'Guanine nucleotide-binding protein G(o) subunit alpha'
3 polymer 'Guanine nucleotide-binding protein G(I)/G(S)/G(T) subunit beta-1'
4 polymer 'Guanine nucleotide-binding protein G(I)/G(S)/G(O) subunit gamma-2'
5 polymer 'Antibody fragment - ScFv16'
6 polymer EP67
#
loop_
_entity_poly.entity_id
_entity_poly.type
_entity_poly.pdbx_seq_one_letter_code
_entity_poly.pdbx_strand_id
1 'polypeptide(L)'
;MGKTIIALSYIFCLVFADYKDDDDAANFTPVNGSSGNQSVRLVTSSSLEVLFQGPGSDSFNYTTPDYGHYDDKDTLDLNT
PVDKTSNTLRVPDILALVIFAVVFLVGVLGNALVVWVTAFEAKRTINAIWFLNLAVADFLSCLALPILFTSIVQHHHWPF
GGAACSILPSLILLNMYASILLLATISADRFLLVFKPIWCQNFRGAGLAWIACAVAWGLALLLTIPSFLYRVVREEYFPP
KVLCGVDYSHDKRRERAVAIVRLVLGFLWPLLTLTICYTFILLRTWSRRATRSTKTLKVVVAVVASFFIFWLPYQVTGIM
MSFLEPSSPTFLLLKKLDSLCVSFAYINCCINPIIYVVAGQGFQGRLRKSLPSLLRNVLTEESVVRESKSFTRSTVDTMA
QKTQAV
;
A
2 'polypeptide(L)'
;MGHHHHHHENLYFQGTLSAEERAALERSKAIEKNLKEDGISAAKDVKLLLLGADNSGKSTIVKQMKIIHGGSGGSGGTTG
IVETHFTFKNLHFRLFDVGGQRSERKKWIHCFEDVTAIIFCVDLSDYDQVLHEDETTNRMHESLMLFDSICNNKFFIDTS
IILFLNKKDLFGEKIKKSPLTICFPEYTGPNTYEDAAAYIQAQFESKNRSPNKEIYCHMTCATDTNNAQVIFDAVTDIII
ANNLRGCGLY
;
B
3 'polypeptide(L)'
;MHHHHHHGSSGSELDQLRQEAEQLKNQIRDARKACADATLSQITNNIDPVGRIQMRTRRTLRGHLAKIYAMHWGTDSRLL
VSASQDGKLIIWDSYTTNKVHAIPLRSSWVMTCAYAPSGNYVACGGLDNICSIYNLKTREGNVRVSRELAGHTGYLSCCR
FLDDNQIVTSSGDTTCALWDIETGQQTTTFTGHTGDVMSLSLAPDTRLFVSGACDASAKLWDVREGMCRQTFTGHESDIN
AICFFPNGNAFATGSDDATCRLFDLRADQELMTYSHDNIICGITSVSFSKSGRLLLAGYDDFNCNVWDALKADRAGVLAG
HDNRVSCLGVTDDGMAVATGSWDSFLKIWN
;
C
4 'polypeptide(L)' MASNNTASIAQARKLVEQLKMEANIDRIKVSKAAADLMAYCEAHAKEDPLLTPVPASENPFREKKFFCAIL G
5 'polypeptide(L)'
;DVQLVESGGGLVQPGGSRKLSCSASGFAFSSFGMHWVRQAPEKGLEWVAYISSGSGTIYYADTVKGRFTISRDDPKNTLF
LQMTSLRSEDTAMYYCVRSIYYYGSSPFDFWGQGTTLTVSSGGGGSGGGGSGGGGSDIVMTQATSSVPVTPGESVSISCR
SSKSLLHSNGNTYLYWFLQRPGQSPQLLIYRMSNLASGVPDRFSGSGSGTAFTLTISRLEAEDVGVYYCMQHLEYPLTFG
AGTKLELK
;
H
6 'polypeptide(L)' YSFKDMP(MLE)(DAL)R D
#
# COMPACT_ATOMS: atom_id res chain seq x y z
N THR A 88 33.57 -35.79 43.07
CA THR A 88 33.38 -34.95 41.89
C THR A 88 31.94 -34.43 41.82
N LEU A 89 31.59 -33.56 42.79
CA LEU A 89 30.26 -32.95 42.86
C LEU A 89 29.17 -34.02 42.97
N ARG A 90 29.26 -34.84 44.02
CA ARG A 90 28.21 -35.81 44.33
C ARG A 90 27.04 -35.04 44.93
N VAL A 91 26.25 -34.44 44.05
CA VAL A 91 25.25 -33.45 44.43
C VAL A 91 24.26 -33.32 43.27
N PRO A 92 22.99 -32.98 43.53
CA PRO A 92 22.02 -32.81 42.44
C PRO A 92 22.41 -31.77 41.38
N ASP A 93 23.56 -31.11 41.55
CA ASP A 93 24.00 -30.11 40.58
C ASP A 93 24.22 -30.70 39.19
N ILE A 94 24.39 -32.02 39.08
CA ILE A 94 24.53 -32.64 37.75
C ILE A 94 23.25 -32.48 36.96
N LEU A 95 22.10 -32.72 37.60
CA LEU A 95 20.82 -32.49 36.94
C LEU A 95 20.65 -31.02 36.58
N ALA A 96 21.13 -30.12 37.44
CA ALA A 96 21.08 -28.70 37.12
C ALA A 96 21.90 -28.40 35.88
N LEU A 97 23.09 -28.99 35.76
CA LEU A 97 23.91 -28.78 34.57
C LEU A 97 23.23 -29.30 33.31
N VAL A 98 22.63 -30.50 33.40
CA VAL A 98 21.97 -31.08 32.24
C VAL A 98 20.79 -30.21 31.82
N ILE A 99 19.98 -29.77 32.79
CA ILE A 99 18.84 -28.92 32.49
C ILE A 99 19.29 -27.59 31.89
N PHE A 100 20.36 -27.00 32.44
CA PHE A 100 20.86 -25.75 31.92
C PHE A 100 21.32 -25.90 30.47
N ALA A 101 22.05 -26.97 30.17
CA ALA A 101 22.52 -27.19 28.80
C ALA A 101 21.34 -27.37 27.84
N VAL A 102 20.35 -28.17 28.24
CA VAL A 102 19.20 -28.41 27.36
C VAL A 102 18.42 -27.12 27.14
N VAL A 103 18.19 -26.36 28.21
CA VAL A 103 17.43 -25.12 28.09
C VAL A 103 18.19 -24.11 27.25
N PHE A 104 19.51 -24.04 27.39
CA PHE A 104 20.31 -23.16 26.55
C PHE A 104 20.18 -23.55 25.08
N LEU A 105 20.27 -24.85 24.78
CA LEU A 105 20.17 -25.31 23.40
C LEU A 105 18.81 -24.98 22.80
N VAL A 106 17.73 -25.18 23.56
CA VAL A 106 16.40 -24.91 23.03
C VAL A 106 16.03 -23.42 23.08
N GLY A 107 16.76 -22.63 23.85
CA GLY A 107 16.41 -21.23 24.02
C GLY A 107 17.20 -20.27 23.15
N VAL A 108 18.41 -20.67 22.74
CA VAL A 108 19.13 -19.87 21.75
C VAL A 108 18.33 -19.77 20.46
N LEU A 109 17.82 -20.91 20.00
CA LEU A 109 16.83 -20.93 18.94
C LEU A 109 15.44 -20.71 19.53
N GLY A 110 14.44 -20.64 18.65
CA GLY A 110 13.09 -20.38 19.11
C GLY A 110 12.79 -18.90 19.18
N ASN A 111 12.94 -18.31 20.36
CA ASN A 111 12.68 -16.88 20.52
C ASN A 111 13.89 -16.08 20.05
N ALA A 112 14.41 -16.46 18.88
CA ALA A 112 15.24 -15.62 18.03
C ALA A 112 14.62 -15.45 16.66
N LEU A 113 14.20 -16.57 16.04
CA LEU A 113 13.33 -16.47 14.87
C LEU A 113 12.00 -15.83 15.25
N VAL A 114 11.52 -16.05 16.47
CA VAL A 114 10.27 -15.41 16.90
C VAL A 114 10.43 -13.89 16.91
N VAL A 115 11.52 -13.40 17.51
CA VAL A 115 11.72 -11.95 17.58
C VAL A 115 12.03 -11.39 16.20
N TRP A 116 12.71 -12.16 15.34
CA TRP A 116 12.94 -11.71 13.97
C TRP A 116 11.64 -11.56 13.20
N VAL A 117 10.73 -12.52 13.35
CA VAL A 117 9.43 -12.44 12.67
C VAL A 117 8.62 -11.27 13.21
N THR A 118 8.58 -11.13 14.53
CA THR A 118 7.75 -10.07 15.13
C THR A 118 8.32 -8.68 14.91
N ALA A 119 9.63 -8.56 14.65
CA ALA A 119 10.22 -7.25 14.41
C ALA A 119 9.68 -6.63 13.13
N PHE A 120 9.55 -7.43 12.07
CA PHE A 120 9.06 -6.90 10.80
C PHE A 120 7.58 -6.54 10.87
N GLU A 121 6.80 -7.29 11.67
CA GLU A 121 5.36 -7.05 11.77
C GLU A 121 5.03 -5.76 12.50
N ALA A 122 6.01 -5.09 13.11
CA ALA A 122 5.75 -3.83 13.77
C ALA A 122 5.36 -2.76 12.74
N LYS A 123 4.69 -1.72 13.23
CA LYS A 123 4.14 -0.61 12.46
C LYS A 123 3.01 -1.04 11.53
N ARG A 124 2.58 -2.30 11.58
CA ARG A 124 1.45 -2.77 10.80
C ARG A 124 0.46 -3.60 11.60
N THR A 125 0.81 -4.04 12.81
CA THR A 125 -0.08 -4.81 13.65
C THR A 125 0.20 -4.49 15.11
N ILE A 126 -0.86 -4.27 15.88
CA ILE A 126 -0.70 -3.93 17.30
C ILE A 126 -0.53 -5.17 18.16
N ASN A 127 -0.85 -6.36 17.64
CA ASN A 127 -0.76 -7.60 18.39
C ASN A 127 0.64 -8.18 18.42
N ALA A 128 1.65 -7.44 17.95
CA ALA A 128 3.01 -7.95 17.88
C ALA A 128 3.95 -7.34 18.92
N ILE A 129 3.61 -6.19 19.49
CA ILE A 129 4.51 -5.54 20.45
C ILE A 129 4.68 -6.39 21.70
N TRP A 130 3.58 -6.96 22.21
CA TRP A 130 3.65 -7.79 23.40
C TRP A 130 4.61 -8.96 23.18
N PHE A 131 4.43 -9.69 22.09
CA PHE A 131 5.28 -10.85 21.82
C PHE A 131 6.71 -10.44 21.50
N LEU A 132 6.91 -9.28 20.87
CA LEU A 132 8.25 -8.80 20.61
C LEU A 132 9.00 -8.54 21.91
N ASN A 133 8.37 -7.83 22.84
CA ASN A 133 9.03 -7.56 24.12
C ASN A 133 9.25 -8.84 24.92
N LEU A 134 8.27 -9.74 24.93
CA LEU A 134 8.42 -10.99 25.66
C LEU A 134 9.57 -11.82 25.08
N ALA A 135 9.65 -11.90 23.75
CA ALA A 135 10.72 -12.64 23.11
C ALA A 135 12.08 -12.00 23.38
N VAL A 136 12.14 -10.66 23.38
CA VAL A 136 13.40 -9.98 23.67
C VAL A 136 13.87 -10.33 25.08
N ALA A 137 12.96 -10.26 26.06
CA ALA A 137 13.32 -10.57 27.44
C ALA A 137 13.77 -12.03 27.58
N ASP A 138 13.02 -12.95 26.98
CA ASP A 138 13.36 -14.36 27.08
C ASP A 138 14.69 -14.66 26.40
N PHE A 139 14.94 -14.06 25.24
CA PHE A 139 16.20 -14.26 24.53
C PHE A 139 17.38 -13.71 25.33
N LEU A 140 17.19 -12.55 25.95
CA LEU A 140 18.26 -11.99 26.78
C LEU A 140 18.55 -12.90 27.96
N SER A 141 17.51 -13.42 28.62
CA SER A 141 17.73 -14.33 29.74
C SER A 141 18.44 -15.61 29.28
N CYS A 142 18.03 -16.18 28.15
CA CYS A 142 18.66 -17.40 27.67
C CYS A 142 20.11 -17.15 27.26
N LEU A 143 20.40 -15.98 26.69
CA LEU A 143 21.77 -15.66 26.30
C LEU A 143 22.65 -15.44 27.52
N ALA A 144 22.09 -14.85 28.58
CA ALA A 144 22.85 -14.67 29.82
C ALA A 144 22.94 -15.93 30.66
N LEU A 145 22.12 -16.94 30.36
CA LEU A 145 22.12 -18.19 31.12
C LEU A 145 23.49 -18.86 31.24
N PRO A 146 24.28 -19.03 30.17
CA PRO A 146 25.52 -19.82 30.32
C PRO A 146 26.63 -19.11 31.09
N ILE A 147 26.31 -18.59 32.28
CA ILE A 147 27.32 -18.10 33.20
C ILE A 147 27.25 -18.95 34.47
N LEU A 148 26.04 -19.41 34.80
CA LEU A 148 25.86 -20.30 35.94
C LEU A 148 26.56 -21.63 35.71
N PHE A 149 26.57 -22.11 34.47
CA PHE A 149 27.29 -23.35 34.15
C PHE A 149 28.76 -23.23 34.54
N THR A 150 29.43 -22.17 34.06
CA THR A 150 30.84 -21.98 34.38
C THR A 150 31.04 -21.69 35.87
N SER A 151 30.08 -21.02 36.52
CA SER A 151 30.23 -20.72 37.93
C SER A 151 30.01 -21.93 38.82
N ILE A 152 29.33 -22.97 38.33
CA ILE A 152 29.00 -24.11 39.18
C ILE A 152 29.90 -25.30 38.86
N VAL A 153 30.45 -25.36 37.65
CA VAL A 153 31.44 -26.40 37.37
C VAL A 153 32.68 -26.19 38.22
N GLN A 154 33.04 -24.93 38.45
CA GLN A 154 34.05 -24.58 39.43
C GLN A 154 33.39 -24.36 40.79
N HIS A 155 34.17 -24.58 41.84
CA HIS A 155 33.63 -24.54 43.21
C HIS A 155 33.57 -23.10 43.71
N HIS A 156 32.65 -22.34 43.11
CA HIS A 156 32.30 -20.99 43.54
C HIS A 156 33.50 -20.06 43.54
N HIS A 157 34.04 -19.83 42.34
CA HIS A 157 35.11 -18.86 42.12
C HIS A 157 34.59 -17.75 41.22
N TRP A 158 35.01 -16.52 41.50
CA TRP A 158 34.51 -15.32 40.81
C TRP A 158 35.64 -14.70 40.00
N PRO A 159 35.73 -15.00 38.70
CA PRO A 159 36.78 -14.38 37.88
C PRO A 159 36.69 -12.87 37.78
N PHE A 160 35.48 -12.31 37.77
CA PHE A 160 35.29 -10.89 37.52
C PHE A 160 35.56 -10.08 38.78
N GLY A 161 35.42 -8.76 38.65
CA GLY A 161 35.66 -7.85 39.75
C GLY A 161 34.39 -7.45 40.48
N GLY A 162 34.51 -6.42 41.31
CA GLY A 162 33.39 -5.97 42.10
C GLY A 162 32.28 -5.35 41.28
N ALA A 163 32.64 -4.56 40.25
CA ALA A 163 31.63 -3.89 39.45
C ALA A 163 30.73 -4.89 38.72
N ALA A 164 31.33 -5.93 38.14
CA ALA A 164 30.53 -6.97 37.50
C ALA A 164 29.64 -7.68 38.51
N CYS A 165 30.18 -7.96 39.70
CA CYS A 165 29.39 -8.60 40.75
C CYS A 165 28.20 -7.76 41.15
N SER A 166 28.35 -6.44 41.14
CA SER A 166 27.26 -5.54 41.51
C SER A 166 26.32 -5.21 40.36
N ILE A 167 26.72 -5.47 39.12
CA ILE A 167 25.92 -5.11 37.95
C ILE A 167 25.13 -6.30 37.40
N LEU A 168 25.79 -7.45 37.23
CA LEU A 168 25.17 -8.54 36.48
C LEU A 168 23.90 -9.11 37.11
N PRO A 169 23.85 -9.44 38.41
CA PRO A 169 22.63 -10.09 38.94
C PRO A 169 21.36 -9.27 38.77
N SER A 170 21.44 -7.95 38.91
CA SER A 170 20.25 -7.13 38.69
C SER A 170 19.77 -7.25 37.24
N LEU A 171 20.70 -7.23 36.28
CA LEU A 171 20.33 -7.37 34.88
C LEU A 171 19.79 -8.75 34.55
N ILE A 172 20.23 -9.78 35.27
CA ILE A 172 19.71 -11.12 35.00
C ILE A 172 18.35 -11.35 35.67
N LEU A 173 18.05 -10.65 36.77
CA LEU A 173 16.74 -10.75 37.39
C LEU A 173 15.69 -9.91 36.68
N LEU A 174 16.12 -8.77 36.12
CA LEU A 174 15.18 -7.85 35.48
C LEU A 174 14.46 -8.53 34.32
N ASN A 175 15.18 -9.37 33.55
CA ASN A 175 14.57 -10.00 32.39
C ASN A 175 13.41 -10.92 32.78
N MET A 176 13.63 -11.79 33.77
CA MET A 176 12.57 -12.70 34.16
C MET A 176 11.41 -11.97 34.83
N TYR A 177 11.70 -10.95 35.63
CA TYR A 177 10.61 -10.18 36.23
C TYR A 177 9.77 -9.48 35.15
N ALA A 178 10.44 -8.90 34.16
CA ALA A 178 9.73 -8.27 33.06
C ALA A 178 8.91 -9.29 32.26
N SER A 179 9.44 -10.51 32.13
CA SER A 179 8.69 -11.56 31.45
C SER A 179 7.38 -11.87 32.18
N ILE A 180 7.46 -12.01 33.51
CA ILE A 180 6.25 -12.29 34.29
C ILE A 180 5.25 -11.15 34.15
N LEU A 181 5.71 -9.91 34.29
CA LEU A 181 4.80 -8.77 34.15
C LEU A 181 4.21 -8.68 32.74
N LEU A 182 5.00 -9.03 31.72
CA LEU A 182 4.49 -9.01 30.35
C LEU A 182 3.40 -10.06 30.16
N LEU A 183 3.57 -11.24 30.75
CA LEU A 183 2.51 -12.24 30.69
C LEU A 183 1.23 -11.73 31.34
N ALA A 184 1.36 -11.11 32.52
CA ALA A 184 0.18 -10.57 33.18
C ALA A 184 -0.49 -9.49 32.34
N THR A 185 0.30 -8.61 31.73
CA THR A 185 -0.24 -7.55 30.90
C THR A 185 -0.94 -8.11 29.66
N ILE A 186 -0.37 -9.16 29.06
CA ILE A 186 -1.02 -9.78 27.90
C ILE A 186 -2.36 -10.36 28.29
N SER A 187 -2.43 -11.02 29.46
CA SER A 187 -3.71 -11.55 29.91
C SER A 187 -4.73 -10.44 30.14
N ALA A 188 -4.29 -9.34 30.75
CA ALA A 188 -5.20 -8.20 30.96
C ALA A 188 -5.69 -7.64 29.63
N ASP A 189 -4.79 -7.52 28.65
CA ASP A 189 -5.18 -7.03 27.33
C ASP A 189 -6.19 -7.96 26.67
N ARG A 190 -6.00 -9.27 26.79
CA ARG A 190 -6.97 -10.21 26.23
C ARG A 190 -8.33 -10.05 26.89
N PHE A 191 -8.36 -9.90 28.22
CA PHE A 191 -9.63 -9.70 28.90
C PHE A 191 -10.32 -8.42 28.43
N LEU A 192 -9.54 -7.34 28.29
CA LEU A 192 -10.11 -6.08 27.83
C LEU A 192 -10.66 -6.20 26.42
N LEU A 193 -9.94 -6.89 25.54
CA LEU A 193 -10.42 -7.10 24.17
C LEU A 193 -11.71 -7.91 24.15
N VAL A 194 -11.79 -8.94 25.00
CA VAL A 194 -12.97 -9.79 25.00
C VAL A 194 -14.19 -9.03 25.52
N PHE A 195 -14.05 -8.32 26.63
CA PHE A 195 -15.21 -7.75 27.29
C PHE A 195 -15.63 -6.37 26.77
N LYS A 196 -14.87 -5.77 25.85
CA LYS A 196 -15.20 -4.44 25.32
C LYS A 196 -14.76 -4.34 23.87
N PRO A 197 -15.56 -4.85 22.94
CA PRO A 197 -15.18 -4.79 21.53
C PRO A 197 -15.38 -3.43 20.89
N ILE A 198 -16.47 -2.74 21.24
CA ILE A 198 -16.79 -1.45 20.61
C ILE A 198 -15.79 -0.40 21.03
N TRP A 199 -15.50 -0.31 22.34
CA TRP A 199 -14.55 0.68 22.83
C TRP A 199 -13.16 0.42 22.27
N CYS A 200 -12.76 -0.85 22.19
CA CYS A 200 -11.45 -1.17 21.61
C CYS A 200 -11.41 -0.84 20.12
N GLN A 201 -12.50 -1.04 19.40
CA GLN A 201 -12.54 -0.66 17.99
C GLN A 201 -12.43 0.85 17.83
N ASN A 202 -13.09 1.61 18.71
CA ASN A 202 -13.08 3.06 18.59
C ASN A 202 -11.73 3.66 18.98
N PHE A 203 -11.15 3.20 20.09
CA PHE A 203 -9.92 3.78 20.62
C PHE A 203 -8.96 2.67 21.04
N ARG A 204 -8.00 2.34 20.18
CA ARG A 204 -6.94 1.39 20.53
C ARG A 204 -5.78 1.61 19.57
N GLY A 205 -4.65 2.08 20.10
CA GLY A 205 -3.46 2.31 19.29
C GLY A 205 -2.23 1.69 19.93
N ALA A 206 -1.12 1.79 19.19
CA ALA A 206 0.15 1.26 19.68
C ALA A 206 0.68 2.03 20.89
N GLY A 207 0.24 3.27 21.08
CA GLY A 207 0.71 4.05 22.21
C GLY A 207 0.35 3.41 23.55
N LEU A 208 -0.87 2.88 23.66
CA LEU A 208 -1.28 2.20 24.89
C LEU A 208 -0.42 0.97 25.16
N ALA A 209 -0.14 0.18 24.11
CA ALA A 209 0.70 -1.00 24.29
C ALA A 209 2.11 -0.61 24.72
N TRP A 210 2.67 0.43 24.09
CA TRP A 210 4.01 0.87 24.46
C TRP A 210 4.05 1.40 25.89
N ILE A 211 3.02 2.13 26.29
CA ILE A 211 2.95 2.63 27.66
C ILE A 211 2.86 1.47 28.66
N ALA A 212 2.05 0.46 28.34
CA ALA A 212 1.93 -0.69 29.23
C ALA A 212 3.26 -1.43 29.35
N CYS A 213 3.96 -1.62 28.23
CA CYS A 213 5.25 -2.30 28.27
C CYS A 213 6.27 -1.48 29.07
N ALA A 214 6.27 -0.16 28.89
CA ALA A 214 7.18 0.69 29.67
C ALA A 214 6.86 0.61 31.16
N VAL A 215 5.59 0.58 31.52
CA VAL A 215 5.20 0.46 32.93
C VAL A 215 5.67 -0.87 33.49
N ALA A 216 5.53 -1.95 32.71
CA ALA A 216 6.01 -3.25 33.16
C ALA A 216 7.51 -3.24 33.40
N TRP A 217 8.26 -2.67 32.45
CA TRP A 217 9.71 -2.59 32.61
C TRP A 217 10.10 -1.75 33.82
N GLY A 218 9.40 -0.63 34.03
CA GLY A 218 9.69 0.21 35.18
C GLY A 218 9.41 -0.48 36.50
N LEU A 219 8.30 -1.22 36.57
CA LEU A 219 7.99 -1.96 37.79
C LEU A 219 9.00 -3.07 38.03
N ALA A 220 9.46 -3.72 36.97
CA ALA A 220 10.52 -4.73 37.13
C ALA A 220 11.80 -4.10 37.64
N LEU A 221 12.13 -2.90 37.13
CA LEU A 221 13.31 -2.19 37.63
C LEU A 221 13.16 -1.83 39.10
N LEU A 222 11.96 -1.39 39.50
CA LEU A 222 11.72 -1.11 40.90
C LEU A 222 11.84 -2.36 41.76
N LEU A 223 11.41 -3.50 41.22
CA LEU A 223 11.55 -4.77 41.94
C LEU A 223 13.02 -5.14 42.11
N THR A 224 13.84 -4.90 41.09
CA THR A 224 15.24 -5.31 41.10
C THR A 224 16.18 -4.25 41.67
N ILE A 225 15.67 -3.07 42.03
CA ILE A 225 16.53 -2.00 42.56
C ILE A 225 17.23 -2.35 43.87
N PRO A 226 16.70 -3.19 44.77
CA PRO A 226 17.46 -3.51 46.00
C PRO A 226 18.60 -4.49 45.80
N SER A 227 18.98 -4.81 44.57
CA SER A 227 20.00 -5.82 44.31
C SER A 227 21.40 -5.22 44.22
N PHE A 228 21.55 -4.10 43.53
CA PHE A 228 22.87 -3.51 43.28
C PHE A 228 23.29 -2.51 44.35
N LEU A 229 22.79 -2.66 45.57
CA LEU A 229 23.22 -1.82 46.68
C LEU A 229 23.49 -2.59 47.96
N TYR A 230 23.38 -3.92 47.94
CA TYR A 230 23.72 -4.75 49.08
C TYR A 230 24.59 -5.94 48.71
N ARG A 231 25.13 -5.97 47.49
CA ARG A 231 25.94 -7.08 47.01
C ARG A 231 27.40 -6.65 46.96
N VAL A 232 28.26 -7.37 47.68
CA VAL A 232 29.70 -7.11 47.73
C VAL A 232 30.44 -8.43 47.62
N VAL A 233 31.76 -8.36 47.71
CA VAL A 233 32.63 -9.53 47.64
C VAL A 233 33.58 -9.49 48.82
N ARG A 234 34.01 -10.68 49.24
CA ARG A 234 34.88 -10.81 50.41
C ARG A 234 36.06 -11.70 50.08
N GLU A 235 37.25 -11.30 50.53
CA GLU A 235 38.48 -12.07 50.34
C GLU A 235 38.97 -12.51 51.72
N GLU A 236 38.90 -13.81 51.98
CA GLU A 236 39.29 -14.35 53.27
C GLU A 236 40.79 -14.66 53.27
N TYR A 237 41.28 -15.18 54.40
CA TYR A 237 42.67 -15.61 54.53
C TYR A 237 42.87 -17.12 54.49
N PHE A 238 41.82 -17.91 54.32
CA PHE A 238 41.88 -19.35 54.08
C PHE A 238 42.51 -19.58 52.71
N PRO A 239 42.75 -20.83 52.31
CA PRO A 239 43.13 -21.10 50.91
C PRO A 239 42.30 -20.26 49.95
N PRO A 240 42.95 -19.45 49.12
CA PRO A 240 42.29 -18.28 48.54
C PRO A 240 41.17 -18.64 47.57
N LYS A 241 40.08 -17.89 47.68
CA LYS A 241 38.98 -17.92 46.73
C LYS A 241 38.16 -16.66 46.94
N VAL A 242 37.44 -16.27 45.89
CA VAL A 242 36.59 -15.08 45.93
C VAL A 242 35.18 -15.48 45.53
N LEU A 243 34.20 -14.99 46.30
CA LEU A 243 32.81 -15.38 46.11
C LEU A 243 31.91 -14.20 46.42
N CYS A 244 30.80 -14.11 45.69
CA CYS A 244 29.85 -13.00 45.82
C CYS A 244 28.68 -13.44 46.68
N GLY A 245 28.32 -12.61 47.65
CA GLY A 245 27.18 -12.87 48.50
C GLY A 245 26.65 -11.58 49.08
N VAL A 246 25.33 -11.57 49.32
CA VAL A 246 24.70 -10.37 49.88
C VAL A 246 25.12 -10.21 51.34
N ASP A 247 25.25 -8.96 51.77
CA ASP A 247 25.68 -8.62 53.13
C ASP A 247 24.61 -7.73 53.76
N TYR A 248 23.83 -8.30 54.69
CA TYR A 248 22.83 -7.56 55.44
C TYR A 248 23.34 -7.35 56.86
N SER A 249 23.32 -6.10 57.31
CA SER A 249 23.87 -5.74 58.60
C SER A 249 22.99 -6.30 59.72
N HIS A 250 23.34 -5.95 60.98
CA HIS A 250 22.62 -6.47 62.13
C HIS A 250 21.14 -6.12 62.11
N ASP A 251 20.75 -5.08 61.37
CA ASP A 251 19.33 -4.77 61.18
C ASP A 251 18.68 -5.90 60.39
N LYS A 252 17.89 -6.73 61.08
CA LYS A 252 17.29 -7.91 60.46
C LYS A 252 15.92 -7.63 59.87
N ARG A 253 15.28 -6.53 60.24
CA ARG A 253 13.94 -6.20 59.76
C ARG A 253 13.93 -5.72 58.31
N ARG A 254 15.06 -5.76 57.61
CA ARG A 254 15.13 -5.35 56.21
C ARG A 254 14.96 -6.51 55.24
N GLU A 255 15.60 -7.65 55.51
CA GLU A 255 15.46 -8.81 54.64
C GLU A 255 14.02 -9.31 54.62
N ARG A 256 13.40 -9.39 55.80
CA ARG A 256 12.05 -9.90 55.94
C ARG A 256 11.00 -9.03 55.27
N ALA A 257 11.34 -7.77 54.95
CA ALA A 257 10.43 -6.90 54.23
C ALA A 257 10.60 -7.02 52.72
N VAL A 258 11.85 -6.95 52.24
CA VAL A 258 12.10 -7.02 50.81
C VAL A 258 11.73 -8.39 50.27
N ALA A 259 12.00 -9.46 51.02
CA ALA A 259 11.67 -10.79 50.57
C ALA A 259 10.16 -10.96 50.41
N ILE A 260 9.38 -10.51 51.40
CA ILE A 260 7.94 -10.64 51.32
C ILE A 260 7.37 -9.76 50.21
N VAL A 261 7.95 -8.57 50.02
CA VAL A 261 7.46 -7.67 48.96
C VAL A 261 7.69 -8.29 47.59
N ARG A 262 8.90 -8.81 47.35
CA ARG A 262 9.17 -9.41 46.04
C ARG A 262 8.34 -10.68 45.84
N LEU A 263 8.18 -11.49 46.89
CA LEU A 263 7.34 -12.68 46.78
C LEU A 263 5.92 -12.31 46.37
N VAL A 264 5.32 -11.36 47.09
CA VAL A 264 3.95 -10.95 46.78
C VAL A 264 3.87 -10.43 45.35
N LEU A 265 4.61 -9.34 45.06
CA LEU A 265 4.49 -8.66 43.77
C LEU A 265 5.10 -9.44 42.62
N GLY A 266 5.66 -10.63 42.85
CA GLY A 266 6.13 -11.43 41.74
C GLY A 266 5.40 -12.75 41.60
N PHE A 267 4.62 -13.14 42.59
CA PHE A 267 3.93 -14.41 42.42
C PHE A 267 2.43 -14.34 42.64
N LEU A 268 1.96 -13.52 43.59
CA LEU A 268 0.55 -13.58 43.96
C LEU A 268 -0.32 -12.77 43.01
N TRP A 269 0.08 -11.53 42.72
CA TRP A 269 -0.71 -10.67 41.84
C TRP A 269 -0.84 -11.24 40.42
N PRO A 270 0.23 -11.63 39.73
CA PRO A 270 0.04 -12.19 38.38
C PRO A 270 -0.80 -13.45 38.35
N LEU A 271 -0.70 -14.31 39.36
CA LEU A 271 -1.49 -15.54 39.38
C LEU A 271 -2.97 -15.23 39.47
N LEU A 272 -3.35 -14.33 40.38
CA LEU A 272 -4.75 -13.95 40.50
C LEU A 272 -5.26 -13.28 39.23
N THR A 273 -4.45 -12.39 38.65
CA THR A 273 -4.85 -11.76 37.39
C THR A 273 -5.10 -12.79 36.29
N LEU A 274 -4.15 -13.70 36.11
CA LEU A 274 -4.30 -14.74 35.09
C LEU A 274 -5.56 -15.56 35.32
N THR A 275 -5.75 -16.04 36.56
CA THR A 275 -6.87 -16.93 36.84
C THR A 275 -8.20 -16.22 36.60
N ILE A 276 -8.36 -15.01 37.17
CA ILE A 276 -9.62 -14.30 37.04
C ILE A 276 -9.90 -13.98 35.57
N CYS A 277 -8.90 -13.44 34.86
CA CYS A 277 -9.10 -13.03 33.48
C CYS A 277 -9.48 -14.22 32.61
N TYR A 278 -8.76 -15.34 32.76
CA TYR A 278 -9.02 -16.48 31.89
C TYR A 278 -10.33 -17.16 32.23
N THR A 279 -10.69 -17.24 33.51
CA THR A 279 -11.98 -17.82 33.88
C THR A 279 -13.13 -16.99 33.31
N PHE A 280 -13.04 -15.66 33.44
CA PHE A 280 -14.10 -14.81 32.90
C PHE A 280 -14.17 -14.90 31.38
N ILE A 281 -13.01 -14.93 30.72
CA ILE A 281 -12.98 -15.05 29.27
C ILE A 281 -13.62 -16.35 28.82
N LEU A 282 -13.29 -17.46 29.49
CA LEU A 282 -13.86 -18.75 29.12
C LEU A 282 -15.37 -18.77 29.34
N LEU A 283 -15.83 -18.23 30.47
CA LEU A 283 -17.26 -18.19 30.74
C LEU A 283 -18.00 -17.39 29.68
N ARG A 284 -17.50 -16.19 29.36
CA ARG A 284 -18.17 -15.35 28.37
C ARG A 284 -18.14 -16.00 26.98
N THR A 285 -17.01 -16.60 26.60
CA THR A 285 -16.90 -17.22 25.29
C THR A 285 -17.84 -18.41 25.14
N TRP A 286 -17.91 -19.27 26.16
CA TRP A 286 -18.77 -20.45 26.09
C TRP A 286 -20.21 -20.17 26.49
N SER A 287 -20.53 -18.94 26.88
CA SER A 287 -21.90 -18.61 27.23
C SER A 287 -22.86 -18.82 26.05
N ARG A 288 -22.45 -18.40 24.86
CA ARG A 288 -23.30 -18.48 23.68
C ARG A 288 -22.54 -19.10 22.52
N ARG A 289 -23.30 -19.51 21.50
CA ARG A 289 -22.72 -20.13 20.32
C ARG A 289 -21.96 -19.10 19.49
N ALA A 290 -21.43 -19.56 18.35
CA ALA A 290 -20.64 -18.80 17.41
C ALA A 290 -19.31 -18.32 17.99
N THR A 291 -18.96 -18.76 19.20
CA THR A 291 -17.69 -18.41 19.81
C THR A 291 -16.96 -19.59 20.42
N ARG A 292 -17.64 -20.71 20.68
CA ARG A 292 -16.97 -21.88 21.27
C ARG A 292 -15.95 -22.45 20.29
N SER A 293 -14.77 -22.77 20.83
CA SER A 293 -13.67 -23.24 19.99
C SER A 293 -13.06 -24.54 20.50
N THR A 294 -13.07 -24.73 21.82
CA THR A 294 -12.52 -25.87 22.55
C THR A 294 -10.98 -25.82 22.59
N LYS A 295 -10.36 -24.90 21.86
CA LYS A 295 -8.92 -24.71 21.91
C LYS A 295 -8.49 -23.73 23.00
N THR A 296 -9.37 -22.78 23.33
CA THR A 296 -9.06 -21.80 24.37
C THR A 296 -8.82 -22.47 25.72
N LEU A 297 -9.61 -23.50 26.03
CA LEU A 297 -9.41 -24.23 27.28
C LEU A 297 -8.02 -24.86 27.32
N LYS A 298 -7.60 -25.48 26.21
CA LYS A 298 -6.28 -26.09 26.17
C LYS A 298 -5.18 -25.05 26.34
N VAL A 299 -5.30 -23.91 25.65
CA VAL A 299 -4.28 -22.87 25.77
C VAL A 299 -4.20 -22.34 27.20
N VAL A 300 -5.37 -22.08 27.80
CA VAL A 300 -5.41 -21.53 29.15
C VAL A 300 -4.80 -22.51 30.15
N VAL A 301 -5.14 -23.79 30.03
CA VAL A 301 -4.57 -24.79 30.93
C VAL A 301 -3.06 -24.89 30.74
N ALA A 302 -2.61 -24.95 29.48
CA ALA A 302 -1.18 -25.07 29.21
C ALA A 302 -0.40 -23.88 29.74
N VAL A 303 -1.03 -22.70 29.80
CA VAL A 303 -0.35 -21.54 30.37
C VAL A 303 -0.34 -21.62 31.90
N VAL A 304 -1.53 -21.78 32.50
CA VAL A 304 -1.67 -21.64 33.95
C VAL A 304 -0.94 -22.76 34.69
N ALA A 305 -1.15 -24.00 34.25
CA ALA A 305 -0.52 -25.12 34.95
C ALA A 305 1.00 -25.03 34.86
N SER A 306 1.52 -24.70 33.68
CA SER A 306 2.97 -24.55 33.53
C SER A 306 3.51 -23.47 34.44
N PHE A 307 2.85 -22.30 34.44
CA PHE A 307 3.29 -21.20 35.30
C PHE A 307 3.36 -21.63 36.75
N PHE A 308 2.25 -22.20 37.25
CA PHE A 308 2.19 -22.57 38.67
C PHE A 308 3.25 -23.61 39.01
N ILE A 309 3.30 -24.70 38.24
CA ILE A 309 4.20 -25.81 38.56
C ILE A 309 5.66 -25.36 38.49
N PHE A 310 6.01 -24.59 37.47
CA PHE A 310 7.41 -24.22 37.28
C PHE A 310 7.82 -23.00 38.09
N TRP A 311 6.90 -22.30 38.75
CA TRP A 311 7.29 -21.15 39.54
C TRP A 311 7.11 -21.31 41.05
N LEU A 312 6.31 -22.28 41.51
CA LEU A 312 6.12 -22.44 42.95
C LEU A 312 7.41 -22.80 43.70
N PRO A 313 8.18 -23.83 43.31
CA PRO A 313 9.33 -24.23 44.14
C PRO A 313 10.37 -23.14 44.36
N TYR A 314 10.66 -22.34 43.34
CA TYR A 314 11.67 -21.30 43.48
C TYR A 314 11.25 -20.27 44.53
N GLN A 315 9.99 -19.83 44.46
CA GLN A 315 9.50 -18.85 45.42
C GLN A 315 9.46 -19.42 46.84
N VAL A 316 9.00 -20.67 46.99
CA VAL A 316 8.92 -21.23 48.34
C VAL A 316 10.31 -21.42 48.92
N THR A 317 11.27 -21.87 48.10
CA THR A 317 12.64 -22.04 48.59
C THR A 317 13.26 -20.70 48.96
N GLY A 318 13.03 -19.67 48.15
CA GLY A 318 13.57 -18.36 48.49
C GLY A 318 13.00 -17.80 49.77
N ILE A 319 11.68 -17.91 49.94
CA ILE A 319 11.05 -17.37 51.15
C ILE A 319 11.45 -18.18 52.38
N MET A 320 11.73 -19.47 52.21
CA MET A 320 12.22 -20.26 53.35
C MET A 320 13.67 -19.92 53.69
N MET A 321 14.49 -19.67 52.67
CA MET A 321 15.89 -19.37 52.91
C MET A 321 16.08 -17.99 53.54
N SER A 322 15.24 -17.03 53.14
CA SER A 322 15.44 -15.65 53.59
C SER A 322 15.16 -15.45 55.08
N PHE A 323 14.58 -16.43 55.77
CA PHE A 323 14.23 -16.29 57.18
C PHE A 323 15.14 -17.06 58.12
N LEU A 324 15.59 -18.25 57.73
CA LEU A 324 16.31 -19.12 58.65
C LEU A 324 17.68 -18.54 59.01
N GLU A 325 18.16 -18.89 60.19
CA GLU A 325 19.47 -18.44 60.65
C GLU A 325 20.58 -19.12 59.85
N PRO A 326 21.68 -18.42 59.58
CA PRO A 326 22.79 -19.06 58.85
C PRO A 326 23.32 -20.31 59.54
N SER A 327 23.36 -20.32 60.87
CA SER A 327 23.84 -21.48 61.62
C SER A 327 22.63 -22.31 62.04
N SER A 328 22.12 -23.10 61.09
CA SER A 328 20.95 -23.93 61.29
C SER A 328 21.14 -25.27 60.58
N PRO A 329 20.46 -26.32 61.05
CA PRO A 329 20.60 -27.62 60.38
C PRO A 329 19.72 -27.76 59.16
N THR A 330 18.63 -27.00 59.10
CA THR A 330 17.74 -27.03 57.94
C THR A 330 18.23 -26.18 56.79
N PHE A 331 19.30 -25.39 56.99
CA PHE A 331 19.82 -24.54 55.94
C PHE A 331 20.46 -25.36 54.82
N LEU A 332 21.04 -26.52 55.15
CA LEU A 332 21.87 -27.26 54.20
C LEU A 332 21.05 -27.81 53.04
N LEU A 333 19.84 -28.31 53.32
CA LEU A 333 19.01 -28.89 52.26
C LEU A 333 18.66 -27.84 51.22
N LEU A 334 18.25 -26.65 51.67
CA LEU A 334 17.93 -25.58 50.74
C LEU A 334 19.19 -25.10 50.02
N LYS A 335 20.33 -25.04 50.73
CA LYS A 335 21.57 -24.66 50.07
C LYS A 335 21.93 -25.64 48.96
N LYS A 336 21.59 -26.92 49.14
CA LYS A 336 21.86 -27.91 48.10
C LYS A 336 20.86 -27.78 46.94
N LEU A 337 19.60 -27.50 47.25
CA LEU A 337 18.54 -27.53 46.24
C LEU A 337 18.33 -26.20 45.52
N ASP A 338 19.06 -25.14 45.89
CA ASP A 338 18.87 -23.84 45.26
C ASP A 338 19.10 -23.91 43.75
N SER A 339 20.19 -24.55 43.31
CA SER A 339 20.50 -24.58 41.88
C SER A 339 19.47 -25.36 41.09
N LEU A 340 19.02 -26.50 41.63
CA LEU A 340 17.97 -27.27 40.95
C LEU A 340 16.69 -26.46 40.85
N CYS A 341 16.34 -25.74 41.92
CA CYS A 341 15.16 -24.88 41.87
C CYS A 341 15.30 -23.79 40.80
N VAL A 342 16.49 -23.20 40.69
CA VAL A 342 16.71 -22.15 39.70
C VAL A 342 16.56 -22.71 38.29
N SER A 343 17.11 -23.91 38.05
CA SER A 343 16.96 -24.53 36.74
C SER A 343 15.50 -24.84 36.42
N PHE A 344 14.77 -25.39 37.40
CA PHE A 344 13.36 -25.67 37.19
C PHE A 344 12.57 -24.40 36.92
N ALA A 345 12.98 -23.28 37.51
CA ALA A 345 12.34 -22.00 37.20
C ALA A 345 12.64 -21.55 35.79
N TYR A 346 13.92 -21.62 35.39
CA TYR A 346 14.30 -21.18 34.04
C TYR A 346 13.77 -22.08 32.94
N ILE A 347 13.28 -23.27 33.27
CA ILE A 347 12.68 -24.14 32.25
C ILE A 347 11.53 -23.42 31.53
N ASN A 348 10.74 -22.65 32.29
CA ASN A 348 9.62 -21.93 31.68
C ASN A 348 10.08 -20.92 30.65
N CYS A 349 11.26 -20.33 30.86
CA CYS A 349 11.77 -19.31 29.95
C CYS A 349 12.08 -19.87 28.57
N CYS A 350 12.27 -21.18 28.44
CA CYS A 350 12.39 -21.80 27.13
C CYS A 350 11.13 -22.53 26.70
N ILE A 351 10.24 -22.85 27.65
CA ILE A 351 8.95 -23.43 27.26
C ILE A 351 8.06 -22.39 26.57
N ASN A 352 8.06 -21.16 27.09
CA ASN A 352 7.02 -20.21 26.68
C ASN A 352 6.94 -19.79 25.20
N PRO A 353 8.00 -19.88 24.37
CA PRO A 353 7.81 -19.54 22.96
C PRO A 353 7.16 -20.64 22.14
N ILE A 354 7.17 -21.89 22.64
CA ILE A 354 6.62 -23.00 21.88
C ILE A 354 5.11 -22.83 21.73
N ILE A 355 4.44 -22.29 22.75
CA ILE A 355 3.01 -22.05 22.66
C ILE A 355 2.69 -21.09 21.53
N TYR A 356 3.45 -19.99 21.44
CA TYR A 356 3.22 -19.03 20.36
C TYR A 356 3.54 -19.64 19.00
N VAL A 357 4.60 -20.44 18.92
CA VAL A 357 4.98 -21.05 17.65
C VAL A 357 3.89 -22.01 17.17
N VAL A 358 3.35 -22.83 18.07
CA VAL A 358 2.39 -23.86 17.68
C VAL A 358 1.02 -23.26 17.45
N ALA A 359 0.49 -22.55 18.46
CA ALA A 359 -0.89 -22.06 18.38
C ALA A 359 -1.05 -21.03 17.27
N GLY A 360 -0.06 -20.16 17.08
CA GLY A 360 -0.13 -19.13 16.07
C GLY A 360 -0.30 -19.66 14.67
N GLN A 361 -1.48 -19.48 14.09
CA GLN A 361 -1.75 -19.98 12.75
C GLN A 361 -1.01 -19.15 11.71
N GLY A 362 -0.64 -19.81 10.61
CA GLY A 362 0.07 -19.14 9.54
C GLY A 362 1.52 -18.86 9.80
N PHE A 363 2.11 -19.49 10.82
CA PHE A 363 3.52 -19.23 11.13
C PHE A 363 4.42 -19.71 9.99
N GLN A 364 4.09 -20.86 9.39
CA GLN A 364 4.89 -21.35 8.28
C GLN A 364 4.84 -20.40 7.09
N GLY A 365 3.66 -19.85 6.80
CA GLY A 365 3.55 -18.89 5.70
C GLY A 365 4.16 -17.55 6.01
N ARG A 366 4.19 -17.17 7.30
CA ARG A 366 4.76 -15.89 7.69
C ARG A 366 6.29 -15.90 7.67
N LEU A 367 6.92 -17.07 7.82
CA LEU A 367 8.37 -17.14 7.78
C LEU A 367 8.91 -16.71 6.42
N ARG A 368 8.27 -17.16 5.34
CA ARG A 368 8.71 -16.77 4.00
C ARG A 368 8.51 -15.27 3.78
N LYS A 369 7.38 -14.72 4.24
CA LYS A 369 7.13 -13.30 4.08
C LYS A 369 8.14 -12.46 4.85
N SER A 370 8.48 -12.88 6.08
CA SER A 370 9.46 -12.14 6.86
C SER A 370 10.83 -12.16 6.21
N LEU A 371 11.23 -13.30 5.67
CA LEU A 371 12.53 -13.43 5.02
C LEU A 371 12.55 -12.66 3.69
N SER B 18 23.59 15.75 -0.34
CA SER B 18 23.12 15.62 -1.71
C SER B 18 22.57 16.94 -2.23
N ALA B 19 21.81 16.86 -3.32
CA ALA B 19 21.20 18.04 -3.93
C ALA B 19 19.91 18.42 -3.22
N GLU B 20 19.10 19.26 -3.85
CA GLU B 20 17.83 19.72 -3.28
C GLU B 20 16.80 18.60 -3.22
N GLU B 21 17.20 17.38 -3.58
CA GLU B 21 16.32 16.22 -3.50
C GLU B 21 15.87 15.90 -2.09
N ARG B 22 16.53 16.47 -1.07
CA ARG B 22 16.06 16.30 0.30
C ARG B 22 14.67 16.90 0.49
N ALA B 23 14.34 17.96 -0.24
CA ALA B 23 12.98 18.51 -0.18
C ALA B 23 11.97 17.51 -0.74
N ALA B 24 12.32 16.84 -1.83
CA ALA B 24 11.44 15.80 -2.37
C ALA B 24 11.30 14.63 -1.40
N LEU B 25 12.40 14.28 -0.73
CA LEU B 25 12.33 13.23 0.29
C LEU B 25 11.40 13.63 1.44
N GLU B 26 11.48 14.88 1.87
CA GLU B 26 10.57 15.38 2.90
C GLU B 26 9.13 15.34 2.44
N ARG B 27 8.89 15.71 1.17
CA ARG B 27 7.54 15.63 0.61
C ARG B 27 7.02 14.20 0.63
N SER B 28 7.88 13.25 0.24
CA SER B 28 7.48 11.85 0.26
C SER B 28 7.17 11.36 1.68
N LYS B 29 7.99 11.78 2.65
CA LYS B 29 7.73 11.41 4.03
C LYS B 29 6.41 11.97 4.53
N ALA B 30 6.11 13.22 4.19
CA ALA B 30 4.84 13.81 4.57
C ALA B 30 3.67 13.08 3.92
N ILE B 31 3.82 12.71 2.65
CA ILE B 31 2.77 11.96 1.96
C ILE B 31 2.54 10.62 2.64
N GLU B 32 3.62 9.93 3.01
CA GLU B 32 3.48 8.63 3.68
C GLU B 32 2.80 8.78 5.04
N LYS B 33 3.17 9.83 5.80
CA LYS B 33 2.52 10.06 7.08
C LYS B 33 1.03 10.32 6.91
N ASN B 34 0.67 11.15 5.93
CA ASN B 34 -0.74 11.42 5.68
C ASN B 34 -1.49 10.16 5.26
N LEU B 35 -0.86 9.32 4.44
CA LEU B 35 -1.49 8.08 4.02
C LEU B 35 -1.73 7.16 5.22
N LYS B 36 -0.74 7.05 6.11
CA LYS B 36 -0.90 6.21 7.30
C LYS B 36 -2.01 6.74 8.19
N GLU B 37 -2.06 8.05 8.40
CA GLU B 37 -3.10 8.63 9.23
C GLU B 37 -4.48 8.40 8.62
N ASP B 38 -4.60 8.58 7.30
CA ASP B 38 -5.89 8.36 6.64
C ASP B 38 -6.32 6.91 6.75
N GLY B 39 -5.39 5.97 6.55
CA GLY B 39 -5.74 4.57 6.68
C GLY B 39 -6.18 4.21 8.09
N ILE B 40 -5.46 4.71 9.10
CA ILE B 40 -5.83 4.46 10.48
C ILE B 40 -7.23 5.02 10.77
N SER B 41 -7.50 6.24 10.30
CA SER B 41 -8.80 6.85 10.53
C SER B 41 -9.91 6.07 9.83
N ALA B 42 -9.66 5.60 8.61
CA ALA B 42 -10.68 4.94 7.82
C ALA B 42 -10.84 3.46 8.14
N ALA B 43 -9.95 2.88 8.95
CA ALA B 43 -10.03 1.47 9.30
C ALA B 43 -10.90 1.21 10.53
N LYS B 44 -11.85 2.09 10.83
CA LYS B 44 -12.69 1.99 12.02
C LYS B 44 -14.17 1.96 11.67
N ASP B 45 -14.53 1.26 10.59
CA ASP B 45 -15.91 1.15 10.17
C ASP B 45 -16.22 -0.27 9.76
N VAL B 46 -17.50 -0.63 9.83
CA VAL B 46 -17.99 -1.95 9.44
C VAL B 46 -18.77 -1.81 8.14
N LYS B 47 -18.49 -2.70 7.19
CA LYS B 47 -19.12 -2.69 5.87
C LYS B 47 -20.01 -3.91 5.72
N LEU B 48 -21.21 -3.69 5.17
CA LEU B 48 -22.18 -4.76 4.98
C LEU B 48 -22.70 -4.74 3.55
N LEU B 49 -22.93 -5.93 3.00
CA LEU B 49 -23.58 -6.06 1.71
C LEU B 49 -25.08 -6.33 1.90
N LEU B 50 -25.85 -5.98 0.89
CA LEU B 50 -27.30 -6.01 0.97
C LEU B 50 -27.89 -6.69 -0.27
N LEU B 51 -27.35 -7.87 -0.59
CA LEU B 51 -27.87 -8.63 -1.71
C LEU B 51 -29.30 -9.10 -1.44
N GLY B 52 -30.06 -9.28 -2.51
CA GLY B 52 -31.42 -9.74 -2.37
C GLY B 52 -32.08 -9.89 -3.73
N ALA B 53 -33.38 -10.15 -3.69
CA ALA B 53 -34.17 -10.33 -4.91
C ALA B 53 -34.76 -9.00 -5.35
N ASP B 54 -35.67 -9.03 -6.31
CA ASP B 54 -36.33 -7.84 -6.83
C ASP B 54 -37.66 -7.65 -6.12
N ASN B 55 -37.94 -6.41 -5.73
CA ASN B 55 -39.15 -6.06 -4.96
C ASN B 55 -39.24 -6.88 -3.67
N SER B 56 -38.09 -7.09 -3.03
CA SER B 56 -38.02 -7.86 -1.80
C SER B 56 -38.18 -7.00 -0.55
N GLY B 57 -38.28 -5.69 -0.69
CA GLY B 57 -38.42 -4.80 0.44
C GLY B 57 -37.14 -4.20 0.97
N LYS B 58 -36.04 -4.25 0.21
CA LYS B 58 -34.78 -3.69 0.67
C LYS B 58 -34.88 -2.18 0.84
N SER B 59 -35.45 -1.49 -0.15
CA SER B 59 -35.54 -0.04 -0.10
C SER B 59 -36.40 0.42 1.07
N THR B 60 -37.48 -0.30 1.36
CA THR B 60 -38.37 0.09 2.46
C THR B 60 -37.64 0.07 3.79
N ILE B 61 -36.93 -1.03 4.09
CA ILE B 61 -36.24 -1.12 5.37
C ILE B 61 -35.04 -0.16 5.40
N VAL B 62 -34.38 0.06 4.26
CA VAL B 62 -33.28 1.01 4.23
C VAL B 62 -33.77 2.41 4.56
N LYS B 63 -34.90 2.81 3.98
CA LYS B 63 -35.46 4.13 4.27
C LYS B 63 -35.97 4.21 5.72
N GLN B 64 -36.55 3.12 6.22
CA GLN B 64 -37.03 3.11 7.59
C GLN B 64 -35.90 3.27 8.59
N MET B 65 -34.76 2.61 8.33
CA MET B 65 -33.61 2.75 9.20
C MET B 65 -32.91 4.10 9.06
N LYS B 66 -33.21 4.85 8.00
CA LYS B 66 -32.63 6.17 7.76
C LYS B 66 -31.11 6.14 7.76
N THR B 79 -28.24 4.14 -10.61
CA THR B 79 -27.72 3.42 -11.76
C THR B 79 -26.42 2.72 -11.43
N GLY B 80 -25.61 3.35 -10.59
CA GLY B 80 -24.34 2.79 -10.19
C GLY B 80 -24.43 1.99 -8.90
N ILE B 81 -23.73 2.44 -7.87
CA ILE B 81 -23.74 1.79 -6.56
C ILE B 81 -24.23 2.79 -5.53
N VAL B 82 -25.24 2.40 -4.75
CA VAL B 82 -25.82 3.24 -3.71
C VAL B 82 -25.21 2.84 -2.38
N GLU B 83 -24.70 3.83 -1.65
CA GLU B 83 -24.02 3.61 -0.36
C GLU B 83 -24.66 4.49 0.70
N THR B 84 -25.65 3.94 1.40
CA THR B 84 -26.24 4.61 2.56
C THR B 84 -25.52 4.19 3.83
N HIS B 85 -25.44 5.12 4.79
CA HIS B 85 -24.72 4.87 6.02
C HIS B 85 -25.35 5.64 7.17
N PHE B 86 -25.14 5.12 8.38
CA PHE B 86 -25.68 5.73 9.58
C PHE B 86 -24.84 5.29 10.77
N THR B 87 -25.13 5.87 11.93
CA THR B 87 -24.42 5.58 13.17
C THR B 87 -25.42 5.17 14.23
N PHE B 88 -25.15 4.06 14.92
CA PHE B 88 -26.04 3.53 15.94
C PHE B 88 -25.21 2.99 17.09
N LYS B 89 -25.37 3.60 18.26
CA LYS B 89 -24.70 3.19 19.51
C LYS B 89 -23.18 3.15 19.32
N ASN B 90 -22.64 4.29 18.91
CA ASN B 90 -21.20 4.50 18.75
C ASN B 90 -20.58 3.52 17.76
N LEU B 91 -21.34 3.11 16.75
CA LEU B 91 -20.87 2.23 15.70
C LEU B 91 -21.29 2.80 14.35
N HIS B 92 -20.34 2.93 13.43
CA HIS B 92 -20.60 3.47 12.11
C HIS B 92 -20.79 2.33 11.12
N PHE B 93 -21.94 2.30 10.47
CA PHE B 93 -22.27 1.28 9.50
C PHE B 93 -22.14 1.83 8.08
N ARG B 94 -22.00 0.91 7.13
CA ARG B 94 -21.97 1.25 5.70
C ARG B 94 -22.69 0.16 4.93
N LEU B 95 -23.75 0.54 4.21
CA LEU B 95 -24.58 -0.41 3.47
C LEU B 95 -24.41 -0.16 1.97
N PHE B 96 -24.22 -1.24 1.23
CA PHE B 96 -24.00 -1.16 -0.21
C PHE B 96 -25.10 -1.92 -0.94
N ASP B 97 -25.75 -1.26 -1.89
CA ASP B 97 -26.77 -1.88 -2.74
C ASP B 97 -26.25 -1.91 -4.17
N VAL B 98 -26.20 -3.10 -4.76
CA VAL B 98 -25.66 -3.28 -6.09
C VAL B 98 -26.72 -3.89 -7.01
N GLY B 99 -27.99 -3.58 -6.74
CA GLY B 99 -29.07 -4.12 -7.54
C GLY B 99 -29.34 -3.39 -8.83
N GLY B 100 -28.66 -2.27 -9.07
CA GLY B 100 -28.85 -1.50 -10.28
C GLY B 100 -28.05 -1.94 -11.48
N GLN B 101 -27.23 -2.98 -11.35
CA GLN B 101 -26.39 -3.47 -12.43
C GLN B 101 -26.93 -4.82 -12.90
N ARG B 102 -27.28 -4.91 -14.19
CA ARG B 102 -27.81 -6.14 -14.76
C ARG B 102 -26.69 -6.83 -15.54
N SER B 103 -25.86 -7.56 -14.80
CA SER B 103 -24.75 -8.31 -15.39
C SER B 103 -24.51 -9.56 -14.56
N GLU B 104 -23.64 -10.42 -15.06
CA GLU B 104 -23.28 -11.63 -14.33
C GLU B 104 -22.58 -11.26 -13.03
N ARG B 105 -22.99 -11.90 -11.93
CA ARG B 105 -22.46 -11.56 -10.61
C ARG B 105 -20.99 -11.94 -10.45
N LYS B 106 -20.50 -12.91 -11.23
CA LYS B 106 -19.12 -13.37 -11.06
C LYS B 106 -18.10 -12.31 -11.45
N LYS B 107 -18.50 -11.30 -12.23
CA LYS B 107 -17.55 -10.30 -12.70
C LYS B 107 -17.13 -9.33 -11.59
N TRP B 108 -18.03 -9.01 -10.66
CA TRP B 108 -17.73 -8.02 -9.63
C TRP B 108 -17.99 -8.53 -8.22
N ILE B 109 -18.18 -9.84 -8.03
CA ILE B 109 -18.39 -10.36 -6.69
C ILE B 109 -17.09 -10.42 -5.88
N HIS B 110 -15.95 -10.51 -6.55
CA HIS B 110 -14.67 -10.52 -5.86
C HIS B 110 -14.29 -9.15 -5.30
N CYS B 111 -14.89 -8.08 -5.82
CA CYS B 111 -14.59 -6.74 -5.32
C CYS B 111 -15.12 -6.54 -3.90
N PHE B 112 -16.19 -7.26 -3.54
CA PHE B 112 -16.82 -7.11 -2.23
C PHE B 112 -16.34 -8.14 -1.22
N GLU B 113 -15.08 -8.56 -1.32
CA GLU B 113 -14.51 -9.44 -0.32
C GLU B 113 -14.19 -8.64 0.94
N ASP B 114 -13.89 -9.37 2.02
CA ASP B 114 -13.60 -8.80 3.33
C ASP B 114 -14.79 -8.03 3.91
N VAL B 115 -15.99 -8.32 3.43
CA VAL B 115 -17.21 -7.69 3.96
C VAL B 115 -17.61 -8.43 5.24
N THR B 116 -18.26 -7.70 6.14
CA THR B 116 -18.57 -8.27 7.45
C THR B 116 -19.68 -9.31 7.36
N ALA B 117 -20.74 -9.02 6.62
CA ALA B 117 -21.88 -9.94 6.55
C ALA B 117 -22.74 -9.54 5.35
N ILE B 118 -23.87 -10.25 5.21
CA ILE B 118 -24.83 -10.03 4.14
C ILE B 118 -26.22 -9.86 4.77
N ILE B 119 -27.06 -9.06 4.12
CA ILE B 119 -28.36 -8.68 4.66
C ILE B 119 -29.47 -9.23 3.79
N PHE B 120 -29.27 -10.43 3.26
CA PHE B 120 -30.22 -11.09 2.36
C PHE B 120 -31.67 -10.93 2.84
N CYS B 121 -32.55 -10.54 1.92
CA CYS B 121 -33.95 -10.27 2.21
C CYS B 121 -34.83 -11.10 1.30
N VAL B 122 -35.91 -11.65 1.87
CA VAL B 122 -36.83 -12.52 1.14
C VAL B 122 -38.25 -12.16 1.55
N ASP B 123 -39.14 -12.07 0.56
CA ASP B 123 -40.55 -11.80 0.80
C ASP B 123 -41.33 -13.11 0.87
N LEU B 124 -42.34 -13.14 1.74
CA LEU B 124 -43.11 -14.34 1.99
C LEU B 124 -44.37 -14.43 1.14
N SER B 125 -44.63 -13.45 0.28
CA SER B 125 -45.83 -13.43 -0.55
C SER B 125 -45.57 -13.89 -1.98
N ASP B 126 -44.37 -14.38 -2.28
CA ASP B 126 -44.04 -14.83 -3.63
C ASP B 126 -44.81 -16.08 -4.02
N MET B 140 -40.30 -17.25 -5.96
CA MET B 140 -39.63 -17.63 -4.73
C MET B 140 -38.47 -18.59 -5.00
N HIS B 141 -38.64 -19.43 -6.03
CA HIS B 141 -37.59 -20.38 -6.39
C HIS B 141 -36.30 -19.66 -6.76
N GLU B 142 -36.41 -18.50 -7.40
CA GLU B 142 -35.22 -17.71 -7.73
C GLU B 142 -34.48 -17.28 -6.47
N SER B 143 -35.22 -16.93 -5.41
CA SER B 143 -34.58 -16.56 -4.16
C SER B 143 -33.80 -17.73 -3.57
N LEU B 144 -34.39 -18.93 -3.59
CA LEU B 144 -33.69 -20.11 -3.10
C LEU B 144 -32.45 -20.40 -3.92
N MET B 145 -32.55 -20.29 -5.25
CA MET B 145 -31.39 -20.53 -6.10
C MET B 145 -30.28 -19.52 -5.82
N LEU B 146 -30.63 -18.24 -5.67
CA LEU B 146 -29.63 -17.22 -5.37
C LEU B 146 -28.98 -17.47 -4.02
N PHE B 147 -29.78 -17.85 -3.02
CA PHE B 147 -29.22 -18.13 -1.70
C PHE B 147 -28.27 -19.31 -1.75
N ASP B 148 -28.65 -20.38 -2.47
CA ASP B 148 -27.77 -21.54 -2.59
C ASP B 148 -26.48 -21.17 -3.31
N SER B 149 -26.57 -20.35 -4.36
CA SER B 149 -25.37 -19.93 -5.07
C SER B 149 -24.46 -19.08 -4.18
N ILE B 150 -25.05 -18.19 -3.38
CA ILE B 150 -24.25 -17.30 -2.55
C ILE B 150 -23.57 -18.07 -1.43
N CYS B 151 -24.30 -18.97 -0.76
CA CYS B 151 -23.74 -19.68 0.38
C CYS B 151 -22.59 -20.60 -0.01
N ASN B 152 -22.59 -21.09 -1.26
CA ASN B 152 -21.57 -22.03 -1.72
C ASN B 152 -20.43 -21.34 -2.46
N ASN B 153 -20.36 -20.02 -2.44
CA ASN B 153 -19.30 -19.31 -3.12
C ASN B 153 -17.97 -19.50 -2.40
N LYS B 154 -16.88 -19.42 -3.18
CA LYS B 154 -15.55 -19.64 -2.61
C LYS B 154 -15.10 -18.45 -1.77
N PHE B 155 -15.36 -17.23 -2.23
CA PHE B 155 -14.91 -16.04 -1.52
C PHE B 155 -15.64 -15.87 -0.19
N PHE B 156 -16.89 -16.30 -0.12
CA PHE B 156 -17.74 -16.09 1.06
C PHE B 156 -17.88 -17.36 1.89
N ILE B 157 -16.82 -18.15 2.02
CA ILE B 157 -16.89 -19.41 2.76
C ILE B 157 -16.87 -19.20 4.27
N ASP B 158 -16.53 -18.00 4.75
CA ASP B 158 -16.44 -17.74 6.18
C ASP B 158 -17.06 -16.39 6.51
N THR B 159 -18.20 -16.08 5.89
CA THR B 159 -18.91 -14.82 6.12
C THR B 159 -20.32 -15.12 6.61
N SER B 160 -20.71 -14.50 7.72
CA SER B 160 -22.03 -14.72 8.28
C SER B 160 -23.10 -14.09 7.40
N ILE B 161 -24.32 -14.60 7.53
CA ILE B 161 -25.46 -14.15 6.74
C ILE B 161 -26.63 -13.88 7.67
N ILE B 162 -27.20 -12.68 7.58
CA ILE B 162 -28.42 -12.31 8.27
C ILE B 162 -29.58 -12.42 7.28
N LEU B 163 -30.63 -13.12 7.68
CA LEU B 163 -31.79 -13.38 6.83
C LEU B 163 -32.99 -12.61 7.35
N PHE B 164 -33.69 -11.91 6.44
CA PHE B 164 -34.88 -11.15 6.77
C PHE B 164 -36.06 -11.69 5.97
N LEU B 165 -37.20 -11.85 6.64
CA LEU B 165 -38.44 -12.28 6.02
C LEU B 165 -39.49 -11.20 6.24
N ASN B 166 -39.88 -10.52 5.16
CA ASN B 166 -40.77 -9.37 5.24
C ASN B 166 -42.22 -9.78 5.01
N LYS B 167 -43.11 -8.81 5.20
CA LYS B 167 -44.52 -8.90 4.81
C LYS B 167 -45.20 -10.10 5.49
N LYS B 168 -45.31 -9.99 6.82
CA LYS B 168 -45.90 -11.08 7.59
C LYS B 168 -47.43 -10.98 7.64
N ASP B 169 -47.97 -9.76 7.77
CA ASP B 169 -49.41 -9.60 7.90
C ASP B 169 -50.13 -10.00 6.61
N LEU B 170 -49.67 -9.49 5.47
CA LEU B 170 -50.31 -9.86 4.20
C LEU B 170 -50.01 -11.30 3.84
N PHE B 171 -48.89 -11.86 4.31
CA PHE B 171 -48.66 -13.30 4.14
C PHE B 171 -49.69 -14.10 4.91
N GLY B 172 -50.01 -13.68 6.13
CA GLY B 172 -51.07 -14.35 6.89
C GLY B 172 -52.42 -14.22 6.20
N GLU B 173 -52.70 -13.04 5.66
CA GLU B 173 -53.95 -12.86 4.91
C GLU B 173 -54.02 -13.81 3.71
N LYS B 174 -52.91 -13.92 2.97
CA LYS B 174 -52.88 -14.80 1.81
C LYS B 174 -53.00 -16.26 2.22
N ILE B 175 -52.34 -16.67 3.30
CA ILE B 175 -52.42 -18.05 3.73
C ILE B 175 -53.83 -18.37 4.24
N LYS B 176 -54.53 -17.36 4.79
CA LYS B 176 -55.95 -17.54 5.04
C LYS B 176 -56.72 -17.73 3.75
N LYS B 177 -56.36 -16.97 2.71
CA LYS B 177 -57.04 -17.08 1.42
C LYS B 177 -56.71 -18.41 0.74
N SER B 178 -55.43 -18.77 0.66
CA SER B 178 -55.00 -19.95 -0.07
C SER B 178 -53.92 -20.67 0.74
N PRO B 179 -53.82 -21.99 0.59
CA PRO B 179 -52.80 -22.74 1.34
C PRO B 179 -51.43 -22.65 0.70
N LEU B 180 -50.44 -23.15 1.43
CA LEU B 180 -49.05 -23.15 0.98
C LEU B 180 -48.76 -24.22 -0.07
N THR B 181 -49.70 -25.14 -0.33
CA THR B 181 -49.47 -26.23 -1.26
C THR B 181 -49.29 -25.75 -2.70
N ILE B 182 -49.62 -24.50 -3.00
CA ILE B 182 -49.46 -24.00 -4.37
C ILE B 182 -47.98 -23.97 -4.76
N CYS B 183 -47.10 -23.61 -3.82
CA CYS B 183 -45.68 -23.54 -4.10
C CYS B 183 -44.87 -24.64 -3.44
N PHE B 184 -45.40 -25.30 -2.41
CA PHE B 184 -44.71 -26.38 -1.71
C PHE B 184 -45.67 -27.57 -1.62
N PRO B 185 -45.82 -28.33 -2.70
CA PRO B 185 -46.74 -29.49 -2.66
C PRO B 185 -46.34 -30.55 -1.64
N GLU B 186 -45.05 -30.67 -1.33
CA GLU B 186 -44.58 -31.70 -0.41
C GLU B 186 -44.97 -31.43 1.04
N TYR B 187 -45.49 -30.25 1.35
CA TYR B 187 -45.85 -29.93 2.72
C TYR B 187 -47.00 -30.82 3.19
N THR B 188 -46.97 -31.16 4.48
CA THR B 188 -47.96 -32.07 5.06
C THR B 188 -48.64 -31.56 6.32
N GLY B 189 -48.18 -30.44 6.89
CA GLY B 189 -48.73 -29.95 8.13
C GLY B 189 -50.02 -29.17 7.94
N PRO B 190 -50.50 -28.55 9.02
CA PRO B 190 -51.74 -27.75 8.92
C PRO B 190 -51.56 -26.47 8.12
N ASN B 191 -52.60 -25.65 8.07
CA ASN B 191 -52.62 -24.44 7.25
C ASN B 191 -52.65 -23.17 8.12
N THR B 192 -51.92 -23.18 9.23
CA THR B 192 -51.78 -21.99 10.06
C THR B 192 -50.53 -21.21 9.63
N TYR B 193 -50.13 -20.23 10.43
CA TYR B 193 -49.06 -19.30 10.07
C TYR B 193 -47.69 -19.73 10.63
N GLU B 194 -47.64 -20.12 11.90
CA GLU B 194 -46.36 -20.42 12.53
C GLU B 194 -45.69 -21.62 11.87
N ASP B 195 -46.46 -22.67 11.56
CA ASP B 195 -45.88 -23.86 10.95
C ASP B 195 -45.35 -23.56 9.56
N ALA B 196 -46.08 -22.77 8.77
CA ALA B 196 -45.61 -22.41 7.44
C ALA B 196 -44.35 -21.55 7.51
N ALA B 197 -44.30 -20.61 8.46
CA ALA B 197 -43.10 -19.80 8.64
C ALA B 197 -41.91 -20.69 9.01
N ALA B 198 -42.12 -21.65 9.92
CA ALA B 198 -41.04 -22.55 10.31
C ALA B 198 -40.58 -23.40 9.13
N TYR B 199 -41.53 -23.88 8.32
CA TYR B 199 -41.16 -24.69 7.15
C TYR B 199 -40.35 -23.88 6.16
N ILE B 200 -40.77 -22.64 5.90
CA ILE B 200 -40.03 -21.79 4.97
C ILE B 200 -38.63 -21.49 5.50
N GLN B 201 -38.52 -21.20 6.80
CA GLN B 201 -37.21 -20.93 7.38
C GLN B 201 -36.31 -22.16 7.30
N ALA B 202 -36.87 -23.34 7.57
CA ALA B 202 -36.07 -24.57 7.48
C ALA B 202 -35.62 -24.83 6.05
N GLN B 203 -36.51 -24.61 5.08
CA GLN B 203 -36.14 -24.80 3.68
C GLN B 203 -35.04 -23.85 3.26
N PHE B 204 -35.10 -22.60 3.72
CA PHE B 204 -34.04 -21.64 3.41
C PHE B 204 -32.73 -22.00 4.10
N GLU B 205 -32.81 -22.49 5.34
CA GLU B 205 -31.61 -22.78 6.13
C GLU B 205 -30.92 -24.07 5.70
N SER B 206 -31.66 -25.02 5.12
CA SER B 206 -31.07 -26.32 4.78
C SER B 206 -30.01 -26.23 3.69
N LYS B 207 -29.91 -25.09 2.98
CA LYS B 207 -28.95 -24.96 1.89
C LYS B 207 -27.52 -24.76 2.37
N ASN B 208 -27.30 -24.55 3.66
CA ASN B 208 -25.94 -24.37 4.17
C ASN B 208 -25.18 -25.68 4.15
N ARG B 209 -23.89 -25.60 3.82
CA ARG B 209 -23.01 -26.77 3.76
C ARG B 209 -21.66 -26.45 4.40
N SER B 210 -21.68 -25.71 5.51
CA SER B 210 -20.45 -25.35 6.19
C SER B 210 -20.71 -25.14 7.67
N PRO B 211 -20.12 -25.95 8.55
CA PRO B 211 -20.37 -25.79 9.99
C PRO B 211 -19.86 -24.48 10.56
N ASN B 212 -18.93 -23.81 9.89
CA ASN B 212 -18.37 -22.56 10.39
C ASN B 212 -19.28 -21.36 10.15
N LYS B 213 -20.36 -21.52 9.41
CA LYS B 213 -21.27 -20.43 9.10
C LYS B 213 -22.39 -20.35 10.13
N GLU B 214 -22.84 -19.12 10.39
CA GLU B 214 -23.97 -18.86 11.27
C GLU B 214 -25.00 -18.03 10.53
N ILE B 215 -26.27 -18.37 10.69
CA ILE B 215 -27.38 -17.71 10.01
C ILE B 215 -28.37 -17.24 11.05
N TYR B 216 -28.76 -15.96 10.96
CA TYR B 216 -29.69 -15.35 11.91
C TYR B 216 -30.99 -15.05 11.18
N CYS B 217 -32.02 -15.85 11.45
CA CYS B 217 -33.33 -15.65 10.83
C CYS B 217 -34.17 -14.70 11.66
N HIS B 218 -35.12 -14.05 11.00
CA HIS B 218 -36.00 -13.09 11.67
C HIS B 218 -37.22 -12.77 10.82
N MET B 219 -38.40 -12.78 11.44
CA MET B 219 -39.64 -12.35 10.80
C MET B 219 -39.95 -10.95 11.29
N THR B 220 -39.65 -9.94 10.46
CA THR B 220 -39.74 -8.56 10.91
C THR B 220 -41.19 -8.10 11.06
N CYS B 221 -42.08 -8.59 10.20
CA CYS B 221 -43.49 -8.18 10.19
C CYS B 221 -43.64 -6.67 10.04
N ALA B 222 -42.73 -6.05 9.28
CA ALA B 222 -42.74 -4.61 9.03
C ALA B 222 -42.72 -3.82 10.34
N THR B 223 -41.92 -4.29 11.30
CA THR B 223 -41.79 -3.61 12.58
C THR B 223 -40.82 -2.43 12.44
N ASP B 224 -40.53 -1.77 13.55
CA ASP B 224 -39.60 -0.65 13.57
C ASP B 224 -38.67 -0.76 14.77
N THR B 225 -37.46 -0.23 14.61
CA THR B 225 -36.47 -0.13 15.69
C THR B 225 -36.15 -1.50 16.28
N ASN B 226 -36.03 -2.51 15.41
CA ASN B 226 -35.59 -3.83 15.86
C ASN B 226 -34.49 -4.35 14.95
N ASN B 227 -34.53 -3.93 13.68
CA ASN B 227 -33.51 -4.35 12.72
C ASN B 227 -32.12 -3.87 13.14
N ALA B 228 -32.04 -2.62 13.62
CA ALA B 228 -30.76 -2.10 14.09
C ALA B 228 -30.25 -2.91 15.28
N GLN B 229 -31.13 -3.27 16.22
CA GLN B 229 -30.71 -4.07 17.36
C GLN B 229 -30.20 -5.44 16.93
N VAL B 230 -30.92 -6.10 16.02
CA VAL B 230 -30.50 -7.42 15.55
C VAL B 230 -29.14 -7.33 14.86
N ILE B 231 -28.99 -6.33 13.98
CA ILE B 231 -27.72 -6.15 13.28
C ILE B 231 -26.60 -5.85 14.26
N PHE B 232 -26.89 -5.06 15.28
CA PHE B 232 -25.87 -4.73 16.28
C PHE B 232 -25.41 -5.96 17.05
N ASP B 233 -26.36 -6.81 17.45
CA ASP B 233 -25.98 -8.04 18.15
C ASP B 233 -25.16 -8.95 17.26
N ALA B 234 -25.57 -9.10 15.99
CA ALA B 234 -24.82 -9.95 15.06
C ALA B 234 -23.41 -9.41 14.85
N VAL B 235 -23.28 -8.10 14.67
CA VAL B 235 -21.96 -7.51 14.43
C VAL B 235 -21.09 -7.63 15.68
N THR B 236 -21.69 -7.50 16.87
CA THR B 236 -20.93 -7.68 18.10
C THR B 236 -20.38 -9.09 18.19
N ASP B 237 -21.22 -10.10 17.89
CA ASP B 237 -20.72 -11.47 17.90
C ASP B 237 -19.61 -11.67 16.88
N ILE B 238 -19.77 -11.11 15.68
CA ILE B 238 -18.78 -11.29 14.62
C ILE B 238 -17.45 -10.65 15.03
N ILE B 239 -17.48 -9.44 15.58
CA ILE B 239 -16.23 -8.77 15.95
C ILE B 239 -15.57 -9.46 17.13
N ILE B 240 -16.36 -9.97 18.07
CA ILE B 240 -15.77 -10.74 19.17
C ILE B 240 -15.06 -11.98 18.64
N ALA B 241 -15.71 -12.71 17.73
CA ALA B 241 -15.07 -13.88 17.15
C ALA B 241 -13.82 -13.52 16.37
N ASN B 242 -13.86 -12.41 15.61
CA ASN B 242 -12.70 -11.98 14.84
C ASN B 242 -11.54 -11.61 15.76
N ASN B 243 -11.82 -10.90 16.86
CA ASN B 243 -10.77 -10.57 17.81
C ASN B 243 -10.18 -11.82 18.45
N LEU B 244 -11.03 -12.78 18.81
CA LEU B 244 -10.52 -14.02 19.41
C LEU B 244 -9.65 -14.78 18.42
N ARG B 245 -10.05 -14.83 17.15
CA ARG B 245 -9.24 -15.49 16.13
C ARG B 245 -7.92 -14.78 15.92
N GLY B 246 -7.95 -13.45 15.85
CA GLY B 246 -6.73 -12.68 15.63
C GLY B 246 -5.75 -12.78 16.78
N CYS B 247 -6.25 -12.88 18.01
CA CYS B 247 -5.38 -12.99 19.18
C CYS B 247 -4.66 -14.34 19.26
N GLY B 248 -5.11 -15.34 18.50
CA GLY B 248 -4.48 -16.64 18.50
C GLY B 248 -5.19 -17.71 19.31
N LEU B 249 -6.38 -17.43 19.82
CA LEU B 249 -7.13 -18.40 20.62
C LEU B 249 -8.01 -19.32 19.79
N TYR B 250 -8.03 -19.15 18.48
CA TYR B 250 -8.77 -20.07 17.62
C TYR B 250 -7.81 -20.92 16.80
N GLU C 13 -38.84 -14.20 -43.47
CA GLU C 13 -38.40 -15.59 -43.47
C GLU C 13 -37.06 -15.73 -42.74
N LEU C 14 -37.13 -16.00 -41.44
CA LEU C 14 -35.91 -16.15 -40.65
C LEU C 14 -35.10 -17.37 -41.07
N ASP C 15 -35.77 -18.41 -41.58
CA ASP C 15 -35.06 -19.62 -41.99
C ASP C 15 -34.09 -19.35 -43.12
N GLN C 16 -34.51 -18.57 -44.13
CA GLN C 16 -33.61 -18.23 -45.23
C GLN C 16 -32.43 -17.41 -44.75
N LEU C 17 -32.68 -16.46 -43.83
CA LEU C 17 -31.60 -15.64 -43.29
C LEU C 17 -30.59 -16.50 -42.55
N ARG C 18 -31.08 -17.43 -41.71
CA ARG C 18 -30.17 -18.31 -40.98
C ARG C 18 -29.40 -19.21 -41.92
N GLN C 19 -30.06 -19.73 -42.97
CA GLN C 19 -29.38 -20.59 -43.93
C GLN C 19 -28.28 -19.84 -44.66
N GLU C 20 -28.56 -18.61 -45.10
CA GLU C 20 -27.53 -17.85 -45.81
C GLU C 20 -26.41 -17.42 -44.87
N ALA C 21 -26.71 -17.15 -43.60
CA ALA C 21 -25.65 -16.87 -42.64
C ALA C 21 -24.76 -18.08 -42.44
N GLU C 22 -25.36 -19.27 -42.32
CA GLU C 22 -24.57 -20.49 -42.18
C GLU C 22 -23.73 -20.75 -43.42
N GLN C 23 -24.28 -20.51 -44.61
CA GLN C 23 -23.51 -20.66 -45.84
C GLN C 23 -22.33 -19.71 -45.88
N LEU C 24 -22.55 -18.46 -45.48
CA LEU C 24 -21.45 -17.49 -45.44
C LEU C 24 -20.38 -17.91 -44.45
N LYS C 25 -20.80 -18.41 -43.28
CA LYS C 25 -19.82 -18.87 -42.29
C LYS C 25 -19.02 -20.05 -42.82
N ASN C 26 -19.68 -20.99 -43.49
CA ASN C 26 -18.97 -22.13 -44.06
C ASN C 26 -17.98 -21.68 -45.14
N GLN C 27 -18.39 -20.73 -45.98
CA GLN C 27 -17.48 -20.21 -47.00
C GLN C 27 -16.28 -19.53 -46.37
N ILE C 28 -16.51 -18.74 -45.31
CA ILE C 28 -15.41 -18.09 -44.61
C ILE C 28 -14.45 -19.12 -44.04
N ARG C 29 -14.99 -20.17 -43.41
CA ARG C 29 -14.14 -21.21 -42.84
C ARG C 29 -13.32 -21.91 -43.91
N ASP C 30 -13.95 -22.23 -45.04
CA ASP C 30 -13.23 -22.90 -46.13
C ASP C 30 -12.11 -22.01 -46.68
N ALA C 31 -12.41 -20.72 -46.89
CA ALA C 31 -11.40 -19.81 -47.40
C ALA C 31 -10.25 -19.65 -46.41
N ARG C 32 -10.57 -19.58 -45.11
CA ARG C 32 -9.53 -19.45 -44.10
C ARG C 32 -8.66 -20.70 -44.03
N LYS C 33 -9.26 -21.88 -44.21
CA LYS C 33 -8.52 -23.12 -44.19
C LYS C 33 -7.77 -23.39 -45.50
N ALA C 34 -8.09 -22.67 -46.56
CA ALA C 34 -7.40 -22.87 -47.84
C ALA C 34 -6.05 -22.19 -47.89
N CYS C 35 -5.68 -21.39 -46.89
CA CYS C 35 -4.41 -20.68 -46.89
C CYS C 35 -3.56 -21.06 -45.68
N ALA C 36 -3.45 -22.35 -45.41
CA ALA C 36 -2.73 -22.89 -44.25
C ALA C 36 -1.69 -23.89 -44.69
N ASP C 37 -0.85 -23.51 -45.67
CA ASP C 37 0.10 -24.44 -46.25
C ASP C 37 1.10 -24.95 -45.21
N ALA C 38 1.62 -24.06 -44.36
CA ALA C 38 2.62 -24.44 -43.38
C ALA C 38 2.26 -23.85 -42.03
N THR C 39 3.05 -24.19 -41.02
CA THR C 39 2.88 -23.70 -39.65
C THR C 39 4.16 -23.01 -39.20
N LEU C 40 4.07 -22.37 -38.03
CA LEU C 40 5.21 -21.61 -37.51
C LEU C 40 6.31 -22.54 -36.99
N SER C 41 5.93 -23.65 -36.36
CA SER C 41 6.91 -24.53 -35.75
C SER C 41 7.83 -25.15 -36.82
N GLN C 42 7.26 -25.57 -37.95
CA GLN C 42 8.06 -26.22 -38.98
C GLN C 42 9.11 -25.26 -39.54
N ILE C 43 8.73 -24.00 -39.75
CA ILE C 43 9.68 -23.01 -40.25
C ILE C 43 10.72 -22.66 -39.19
N THR C 44 10.29 -22.53 -37.93
CA THR C 44 11.15 -22.02 -36.88
C THR C 44 12.07 -23.09 -36.29
N ASN C 45 11.82 -24.38 -36.56
CA ASN C 45 12.57 -25.46 -35.94
C ASN C 45 14.07 -25.46 -36.27
N ASN C 46 14.54 -24.49 -37.06
CA ASN C 46 15.93 -24.43 -37.45
C ASN C 46 16.64 -23.19 -36.90
N ILE C 47 16.26 -22.75 -35.71
CA ILE C 47 16.92 -21.63 -35.04
C ILE C 47 17.25 -22.02 -33.62
N ASP C 48 18.25 -21.36 -33.04
CA ASP C 48 18.72 -21.66 -31.70
C ASP C 48 17.78 -21.10 -30.64
N PRO C 49 17.66 -21.76 -29.50
CA PRO C 49 16.82 -21.26 -28.41
C PRO C 49 17.53 -20.13 -27.65
N VAL C 50 16.84 -19.61 -26.63
CA VAL C 50 17.37 -18.52 -25.82
C VAL C 50 17.92 -19.02 -24.48
N GLY C 51 17.88 -20.32 -24.21
CA GLY C 51 18.38 -20.82 -22.95
C GLY C 51 17.45 -20.48 -21.80
N ARG C 52 18.03 -20.15 -20.66
CA ARG C 52 17.31 -19.84 -19.44
C ARG C 52 17.43 -18.36 -19.12
N ILE C 53 16.36 -17.81 -18.55
CA ILE C 53 16.29 -16.39 -18.18
C ILE C 53 16.16 -16.30 -16.67
N GLN C 54 17.09 -15.58 -16.04
CA GLN C 54 17.09 -15.38 -14.59
C GLN C 54 16.90 -13.89 -14.32
N MET C 55 15.83 -13.54 -13.61
CA MET C 55 15.54 -12.17 -13.25
C MET C 55 15.42 -12.06 -11.73
N ARG C 56 15.84 -10.90 -11.21
CA ARG C 56 15.83 -10.66 -9.78
C ARG C 56 15.21 -9.29 -9.50
N THR C 57 14.53 -9.19 -8.36
CA THR C 57 13.88 -7.95 -7.97
C THR C 57 14.92 -6.89 -7.61
N ARG C 58 14.58 -5.63 -7.87
CA ARG C 58 15.43 -4.51 -7.54
C ARG C 58 14.77 -3.46 -6.67
N ARG C 59 13.46 -3.26 -6.79
CA ARG C 59 12.75 -2.27 -6.00
C ARG C 59 11.45 -2.89 -5.49
N THR C 60 10.98 -2.37 -4.35
CA THR C 60 9.72 -2.79 -3.76
C THR C 60 8.98 -1.55 -3.27
N LEU C 61 7.88 -1.23 -3.92
CA LEU C 61 7.07 -0.07 -3.58
C LEU C 61 5.95 -0.52 -2.65
N ARG C 62 5.99 -0.05 -1.41
CA ARG C 62 5.01 -0.41 -0.38
C ARG C 62 4.36 0.86 0.15
N GLY C 63 3.33 1.32 -0.55
CA GLY C 63 2.55 2.46 -0.09
C GLY C 63 1.06 2.17 0.00
N HIS C 64 0.59 1.22 -0.80
CA HIS C 64 -0.82 0.90 -0.87
C HIS C 64 -1.24 0.04 0.32
N LEU C 65 -2.56 -0.17 0.44
CA LEU C 65 -3.10 -0.91 1.57
C LEU C 65 -4.02 -2.07 1.21
N ALA C 66 -4.64 -2.09 0.03
CA ALA C 66 -5.61 -3.14 -0.27
C ALA C 66 -5.75 -3.32 -1.78
N LYS C 67 -5.19 -4.42 -2.30
CA LYS C 67 -5.58 -5.00 -3.58
C LYS C 67 -5.46 -4.00 -4.73
N ILE C 68 -4.21 -3.63 -5.03
CA ILE C 68 -3.94 -2.83 -6.21
C ILE C 68 -4.42 -3.58 -7.45
N TYR C 69 -5.22 -2.91 -8.27
CA TYR C 69 -5.83 -3.54 -9.44
C TYR C 69 -5.20 -3.16 -10.77
N ALA C 70 -4.79 -1.89 -10.94
CA ALA C 70 -4.32 -1.42 -12.23
C ALA C 70 -3.05 -0.60 -12.07
N MET C 71 -2.27 -0.56 -13.13
CA MET C 71 -1.04 0.23 -13.18
C MET C 71 -0.73 0.57 -14.63
N HIS C 72 0.10 1.59 -14.82
CA HIS C 72 0.50 2.00 -16.15
C HIS C 72 1.82 2.76 -16.06
N TRP C 73 2.61 2.65 -17.13
CA TRP C 73 3.90 3.32 -17.21
C TRP C 73 3.75 4.71 -17.85
N GLY C 74 4.85 5.44 -17.85
CA GLY C 74 4.92 6.72 -18.53
C GLY C 74 5.83 6.64 -19.74
N THR C 75 5.71 7.61 -20.66
CA THR C 75 6.51 7.58 -21.88
C THR C 75 7.99 7.83 -21.62
N ASP C 76 8.36 8.36 -20.46
CA ASP C 76 9.75 8.60 -20.12
C ASP C 76 10.41 7.43 -19.40
N SER C 77 9.66 6.35 -19.14
CA SER C 77 10.17 5.15 -18.49
C SER C 77 10.77 5.46 -17.11
N ARG C 78 10.19 6.45 -16.44
CA ARG C 78 10.63 6.80 -15.09
C ARG C 78 9.50 7.01 -14.09
N LEU C 79 8.27 7.26 -14.53
CA LEU C 79 7.15 7.50 -13.63
C LEU C 79 6.08 6.44 -13.83
N LEU C 80 5.43 6.06 -12.74
CA LEU C 80 4.39 5.03 -12.72
C LEU C 80 3.08 5.62 -12.21
N VAL C 81 2.06 4.77 -12.17
CA VAL C 81 0.76 5.13 -11.62
C VAL C 81 0.09 3.84 -11.14
N SER C 82 -0.63 3.94 -10.04
CA SER C 82 -1.27 2.77 -9.44
C SER C 82 -2.62 3.16 -8.85
N ALA C 83 -3.53 2.19 -8.84
CA ALA C 83 -4.87 2.37 -8.29
C ALA C 83 -5.21 1.19 -7.38
N SER C 84 -5.82 1.49 -6.24
CA SER C 84 -6.18 0.47 -5.26
C SER C 84 -7.60 0.72 -4.78
N GLN C 85 -8.17 -0.29 -4.12
CA GLN C 85 -9.52 -0.21 -3.59
C GLN C 85 -9.61 0.71 -2.37
N ASP C 86 -8.49 1.17 -1.83
CA ASP C 86 -8.51 2.08 -0.68
C ASP C 86 -8.98 3.47 -1.05
N GLY C 87 -9.14 3.78 -2.33
CA GLY C 87 -9.62 5.07 -2.77
C GLY C 87 -8.55 6.08 -3.11
N LYS C 88 -7.29 5.64 -3.26
CA LYS C 88 -6.18 6.53 -3.56
C LYS C 88 -5.56 6.16 -4.90
N LEU C 89 -5.12 7.17 -5.64
CA LEU C 89 -4.44 6.99 -6.91
C LEU C 89 -3.17 7.81 -6.86
N ILE C 90 -2.03 7.16 -6.63
CA ILE C 90 -0.76 7.84 -6.45
C ILE C 90 0.20 7.41 -7.55
N ILE C 91 1.16 8.27 -7.84
CA ILE C 91 2.16 8.04 -8.88
C ILE C 91 3.54 8.01 -8.23
N TRP C 92 4.38 7.08 -8.66
CA TRP C 92 5.66 6.80 -8.05
C TRP C 92 6.81 7.32 -8.91
N ASP C 93 8.01 7.26 -8.32
CA ASP C 93 9.26 7.51 -9.02
C ASP C 93 10.12 6.27 -8.86
N SER C 94 10.31 5.52 -9.95
CA SER C 94 10.93 4.21 -9.87
C SER C 94 12.39 4.30 -9.43
N TYR C 95 13.13 5.30 -9.93
CA TYR C 95 14.57 5.35 -9.70
C TYR C 95 14.90 5.52 -8.22
N THR C 96 14.16 6.38 -7.51
CA THR C 96 14.48 6.72 -6.13
C THR C 96 13.45 6.20 -5.13
N THR C 97 12.44 5.44 -5.59
CA THR C 97 11.39 4.91 -4.72
C THR C 97 10.74 6.03 -3.92
N ASN C 98 10.33 7.09 -4.61
CA ASN C 98 9.74 8.27 -4.00
C ASN C 98 8.27 8.39 -4.40
N LYS C 99 7.55 9.22 -3.64
CA LYS C 99 6.16 9.55 -3.93
C LYS C 99 6.06 11.03 -4.25
N VAL C 100 5.47 11.35 -5.41
CA VAL C 100 5.40 12.73 -5.87
C VAL C 100 3.98 13.28 -5.90
N HIS C 101 2.97 12.43 -6.03
CA HIS C 101 1.58 12.89 -6.03
C HIS C 101 0.70 11.87 -5.32
N ALA C 102 -0.45 12.34 -4.86
CA ALA C 102 -1.43 11.49 -4.18
C ALA C 102 -2.81 12.11 -4.37
N ILE C 103 -3.64 11.49 -5.19
CA ILE C 103 -4.94 12.02 -5.57
C ILE C 103 -6.02 11.17 -4.91
N PRO C 104 -6.93 11.78 -4.14
CA PRO C 104 -8.04 11.01 -3.57
C PRO C 104 -9.23 10.94 -4.50
N LEU C 105 -9.92 9.81 -4.46
CA LEU C 105 -11.02 9.53 -5.36
C LEU C 105 -12.37 9.64 -4.64
N ARG C 106 -13.40 9.99 -5.40
CA ARG C 106 -14.74 10.08 -4.84
C ARG C 106 -15.32 8.70 -4.57
N SER C 107 -15.09 7.76 -5.48
CA SER C 107 -15.57 6.39 -5.35
C SER C 107 -14.38 5.45 -5.19
N SER C 108 -14.49 4.51 -4.26
CA SER C 108 -13.41 3.57 -3.97
C SER C 108 -13.43 2.33 -4.84
N TRP C 109 -14.46 2.16 -5.68
CA TRP C 109 -14.56 0.99 -6.55
C TRP C 109 -14.00 1.35 -7.92
N VAL C 110 -12.67 1.32 -8.01
CA VAL C 110 -11.96 1.65 -9.24
C VAL C 110 -11.28 0.38 -9.76
N MET C 111 -11.17 0.29 -11.08
CA MET C 111 -10.61 -0.89 -11.72
C MET C 111 -9.59 -0.59 -12.82
N THR C 112 -9.46 0.66 -13.25
CA THR C 112 -8.57 0.98 -14.36
C THR C 112 -7.88 2.32 -14.12
N CYS C 113 -6.75 2.51 -14.80
CA CYS C 113 -6.01 3.76 -14.77
C CYS C 113 -5.18 3.85 -16.03
N ALA C 114 -5.01 5.07 -16.55
CA ALA C 114 -4.26 5.29 -17.77
C ALA C 114 -3.42 6.56 -17.62
N TYR C 115 -2.29 6.58 -18.33
CA TYR C 115 -1.37 7.71 -18.33
C TYR C 115 -1.31 8.31 -19.72
N ALA C 116 -1.51 9.62 -19.81
CA ALA C 116 -1.43 10.29 -21.09
C ALA C 116 0.00 10.27 -21.61
N PRO C 117 0.21 10.07 -22.92
CA PRO C 117 1.58 10.06 -23.45
C PRO C 117 2.32 11.37 -23.23
N SER C 118 1.61 12.51 -23.28
CA SER C 118 2.27 13.79 -23.04
C SER C 118 2.67 13.94 -21.57
N GLY C 119 1.91 13.35 -20.66
CA GLY C 119 2.20 13.44 -19.25
C GLY C 119 1.45 14.52 -18.51
N ASN C 120 0.42 15.13 -19.11
CA ASN C 120 -0.31 16.20 -18.49
C ASN C 120 -1.63 15.76 -17.84
N TYR C 121 -2.13 14.58 -18.17
CA TYR C 121 -3.40 14.12 -17.65
C TYR C 121 -3.30 12.66 -17.21
N VAL C 122 -4.19 12.29 -16.29
CA VAL C 122 -4.34 10.91 -15.84
C VAL C 122 -5.84 10.62 -15.76
N ALA C 123 -6.19 9.36 -15.99
CA ALA C 123 -7.60 8.97 -16.04
C ALA C 123 -7.82 7.71 -15.21
N CYS C 124 -9.06 7.56 -14.72
CA CYS C 124 -9.43 6.41 -13.92
C CYS C 124 -10.93 6.16 -14.08
N GLY C 125 -11.34 4.95 -13.73
CA GLY C 125 -12.74 4.58 -13.84
C GLY C 125 -13.01 3.33 -13.03
N GLY C 126 -14.29 2.97 -12.94
CA GLY C 126 -14.66 1.82 -12.14
C GLY C 126 -16.14 1.48 -12.17
N LEU C 127 -16.69 1.18 -10.99
CA LEU C 127 -18.04 0.66 -10.85
C LEU C 127 -19.11 1.74 -10.83
N ASP C 128 -18.74 3.01 -10.90
CA ASP C 128 -19.70 4.10 -10.90
C ASP C 128 -20.11 4.52 -12.31
N ASN C 129 -19.63 3.82 -13.34
CA ASN C 129 -20.00 4.06 -14.73
C ASN C 129 -19.60 5.46 -15.21
N ILE C 130 -18.50 5.99 -14.67
CA ILE C 130 -18.05 7.34 -15.00
C ILE C 130 -16.54 7.33 -15.16
N CYS C 131 -16.05 7.97 -16.22
CA CYS C 131 -14.62 8.13 -16.45
C CYS C 131 -14.21 9.55 -16.09
N SER C 132 -13.17 9.68 -15.27
CA SER C 132 -12.72 10.98 -14.77
C SER C 132 -11.32 11.28 -15.29
N ILE C 133 -11.05 12.56 -15.48
CA ILE C 133 -9.77 13.05 -15.99
C ILE C 133 -9.23 14.07 -15.02
N TYR C 134 -7.96 13.92 -14.65
CA TYR C 134 -7.30 14.80 -13.69
C TYR C 134 -6.18 15.57 -14.37
N ASN C 135 -6.02 16.83 -13.98
CA ASN C 135 -4.98 17.70 -14.53
C ASN C 135 -3.85 17.83 -13.53
N LEU C 136 -2.61 17.61 -13.99
CA LEU C 136 -1.44 17.58 -13.13
C LEU C 136 -0.54 18.79 -13.30
N LYS C 137 -0.95 19.78 -14.10
CA LYS C 137 -0.14 20.97 -14.35
C LYS C 137 -0.94 22.23 -14.09
N THR C 138 -1.69 22.25 -12.99
CA THR C 138 -2.43 23.44 -12.61
C THR C 138 -1.49 24.49 -12.04
N ARG C 139 -1.87 25.76 -12.21
CA ARG C 139 -1.08 26.86 -11.68
C ARG C 139 -1.30 27.10 -10.20
N GLU C 140 -2.32 26.49 -9.61
CA GLU C 140 -2.60 26.64 -8.18
C GLU C 140 -1.79 25.70 -7.31
N GLY C 141 -1.11 24.71 -7.90
CA GLY C 141 -0.28 23.80 -7.14
C GLY C 141 -0.95 22.53 -6.68
N ASN C 142 -2.17 22.25 -7.14
CA ASN C 142 -2.89 21.05 -6.73
C ASN C 142 -3.54 20.40 -7.94
N VAL C 143 -3.74 19.10 -7.85
CA VAL C 143 -4.39 18.33 -8.92
C VAL C 143 -5.90 18.39 -8.71
N ARG C 144 -6.62 18.76 -9.75
CA ARG C 144 -8.06 18.93 -9.69
C ARG C 144 -8.73 18.20 -10.84
N VAL C 145 -10.01 17.87 -10.64
CA VAL C 145 -10.78 17.17 -11.67
C VAL C 145 -11.07 18.13 -12.82
N SER C 146 -10.82 17.67 -14.04
CA SER C 146 -11.08 18.50 -15.22
C SER C 146 -12.47 18.23 -15.80
N ARG C 147 -12.74 16.98 -16.19
CA ARG C 147 -14.03 16.62 -16.76
C ARG C 147 -14.48 15.29 -16.18
N GLU C 148 -15.81 15.11 -16.15
CA GLU C 148 -16.42 13.84 -15.76
C GLU C 148 -17.25 13.35 -16.94
N LEU C 149 -16.90 12.18 -17.46
CA LEU C 149 -17.54 11.63 -18.65
C LEU C 149 -18.57 10.57 -18.25
N ALA C 150 -19.79 10.74 -18.72
CA ALA C 150 -20.89 9.82 -18.42
C ALA C 150 -21.63 9.48 -19.70
N GLY C 151 -22.44 8.43 -19.60
CA GLY C 151 -23.22 7.98 -20.74
C GLY C 151 -23.32 6.48 -20.85
N HIS C 152 -22.33 5.78 -20.30
CA HIS C 152 -22.35 4.32 -20.31
C HIS C 152 -23.43 3.79 -19.37
N THR C 153 -23.94 2.61 -19.70
CA THR C 153 -24.96 1.97 -18.87
C THR C 153 -24.38 0.99 -17.87
N GLY C 154 -23.22 0.41 -18.17
CA GLY C 154 -22.57 -0.54 -17.29
C GLY C 154 -21.23 -0.04 -16.79
N TYR C 155 -20.54 -0.93 -16.08
CA TYR C 155 -19.26 -0.58 -15.49
C TYR C 155 -18.18 -0.46 -16.56
N LEU C 156 -17.13 0.30 -16.24
CA LEU C 156 -15.99 0.46 -17.13
C LEU C 156 -14.97 -0.64 -16.88
N SER C 157 -14.23 -0.98 -17.93
CA SER C 157 -13.26 -2.06 -17.87
C SER C 157 -11.90 -1.70 -18.45
N CYS C 158 -11.77 -0.62 -19.21
CA CYS C 158 -10.50 -0.19 -19.75
C CYS C 158 -10.64 1.22 -20.29
N CYS C 159 -9.49 1.89 -20.45
CA CYS C 159 -9.47 3.24 -21.01
C CYS C 159 -8.04 3.54 -21.43
N ARG C 160 -7.88 4.04 -22.66
CA ARG C 160 -6.57 4.38 -23.20
C ARG C 160 -6.64 5.73 -23.91
N PHE C 161 -5.54 6.48 -23.81
CA PHE C 161 -5.48 7.80 -24.43
C PHE C 161 -5.02 7.69 -25.88
N LEU C 162 -5.70 8.43 -26.76
CA LEU C 162 -5.24 8.59 -28.13
C LEU C 162 -4.35 9.82 -28.28
N ASP C 163 -4.81 10.96 -27.77
CA ASP C 163 -4.00 12.17 -27.68
C ASP C 163 -4.46 12.95 -26.46
N ASP C 164 -4.10 14.23 -26.40
CA ASP C 164 -4.51 15.08 -25.29
C ASP C 164 -5.95 15.58 -25.44
N ASN C 165 -6.72 15.06 -26.40
CA ASN C 165 -8.07 15.57 -26.64
C ASN C 165 -9.15 14.49 -26.77
N GLN C 166 -8.80 13.25 -27.10
CA GLN C 166 -9.79 12.20 -27.26
C GLN C 166 -9.34 10.94 -26.55
N ILE C 167 -10.31 10.17 -26.07
CA ILE C 167 -10.06 8.95 -25.30
C ILE C 167 -10.98 7.85 -25.83
N VAL C 168 -10.60 6.61 -25.57
CA VAL C 168 -11.38 5.44 -25.94
C VAL C 168 -11.65 4.62 -24.68
N THR C 169 -12.88 4.13 -24.55
CA THR C 169 -13.32 3.47 -23.34
C THR C 169 -14.14 2.23 -23.69
N SER C 170 -13.84 1.12 -23.01
CA SER C 170 -14.61 -0.11 -23.11
C SER C 170 -15.35 -0.35 -21.81
N SER C 171 -16.62 -0.75 -21.92
CA SER C 171 -17.49 -0.88 -20.77
C SER C 171 -18.12 -2.26 -20.76
N GLY C 172 -18.85 -2.54 -19.67
CA GLY C 172 -19.57 -3.79 -19.50
C GLY C 172 -20.93 -3.83 -20.15
N ASP C 173 -21.33 -2.76 -20.84
CA ASP C 173 -22.60 -2.73 -21.57
C ASP C 173 -22.47 -3.27 -22.98
N THR C 174 -21.43 -4.06 -23.26
CA THR C 174 -21.19 -4.65 -24.57
C THR C 174 -21.08 -3.56 -25.65
N THR C 175 -20.30 -2.52 -25.35
CA THR C 175 -20.15 -1.42 -26.29
C THR C 175 -18.85 -0.66 -25.96
N CYS C 176 -18.37 0.06 -26.96
CA CYS C 176 -17.20 0.92 -26.83
C CYS C 176 -17.51 2.27 -27.47
N ALA C 177 -16.82 3.31 -27.01
CA ALA C 177 -17.12 4.66 -27.49
C ALA C 177 -15.84 5.47 -27.55
N LEU C 178 -15.87 6.50 -28.40
CA LEU C 178 -14.79 7.47 -28.54
C LEU C 178 -15.33 8.83 -28.12
N TRP C 179 -14.60 9.51 -27.25
CA TRP C 179 -15.07 10.75 -26.63
C TRP C 179 -14.25 11.95 -27.11
N ASP C 180 -14.75 13.13 -26.79
CA ASP C 180 -14.05 14.39 -26.98
C ASP C 180 -14.05 15.13 -25.66
N ILE C 181 -12.86 15.36 -25.11
CA ILE C 181 -12.77 15.93 -23.76
C ILE C 181 -13.20 17.40 -23.74
N GLU C 182 -12.99 18.12 -24.84
CA GLU C 182 -13.29 19.55 -24.86
C GLU C 182 -14.76 19.83 -24.61
N THR C 183 -15.65 18.92 -25.01
CA THR C 183 -17.08 19.11 -24.82
C THR C 183 -17.77 17.96 -24.08
N GLY C 184 -17.09 16.84 -23.87
CA GLY C 184 -17.69 15.73 -23.15
C GLY C 184 -18.85 15.07 -23.87
N GLN C 185 -18.73 14.84 -25.17
CA GLN C 185 -19.77 14.22 -25.96
C GLN C 185 -19.22 12.97 -26.63
N GLN C 186 -20.01 11.89 -26.62
CA GLN C 186 -19.62 10.64 -27.27
C GLN C 186 -19.68 10.82 -28.78
N THR C 187 -18.51 10.82 -29.42
CA THR C 187 -18.44 11.07 -30.86
C THR C 187 -18.91 9.85 -31.65
N THR C 188 -18.22 8.72 -31.49
CA THR C 188 -18.53 7.50 -32.21
C THR C 188 -18.65 6.35 -31.23
N THR C 189 -19.64 5.49 -31.46
CA THR C 189 -19.86 4.29 -30.65
C THR C 189 -19.68 3.04 -31.51
N PHE C 190 -19.27 1.96 -30.86
CA PHE C 190 -19.00 0.70 -31.53
C PHE C 190 -19.89 -0.38 -30.95
N THR C 191 -20.63 -1.09 -31.80
CA THR C 191 -21.52 -2.16 -31.39
C THR C 191 -21.26 -3.39 -32.24
N GLY C 192 -21.66 -4.55 -31.72
CA GLY C 192 -21.47 -5.80 -32.42
C GLY C 192 -21.13 -6.97 -31.53
N HIS C 193 -20.74 -6.67 -30.28
CA HIS C 193 -20.39 -7.72 -29.33
C HIS C 193 -21.65 -8.32 -28.71
N THR C 194 -21.45 -9.34 -27.87
CA THR C 194 -22.55 -10.02 -27.19
C THR C 194 -22.38 -10.04 -25.68
N GLY C 195 -21.16 -10.21 -25.19
CA GLY C 195 -20.89 -10.25 -23.77
C GLY C 195 -20.19 -8.99 -23.27
N ASP C 196 -19.68 -9.10 -22.06
CA ASP C 196 -19.02 -7.95 -21.43
C ASP C 196 -17.61 -7.78 -21.99
N VAL C 197 -17.30 -6.57 -22.45
CA VAL C 197 -15.98 -6.26 -22.97
C VAL C 197 -15.05 -6.01 -21.80
N MET C 198 -13.87 -6.65 -21.82
CA MET C 198 -12.95 -6.60 -20.69
C MET C 198 -11.57 -6.07 -21.03
N SER C 199 -11.11 -6.21 -22.28
CA SER C 199 -9.76 -5.82 -22.65
C SER C 199 -9.79 -4.90 -23.86
N LEU C 200 -8.75 -4.07 -23.98
CA LEU C 200 -8.62 -3.14 -25.08
C LEU C 200 -7.15 -2.81 -25.28
N SER C 201 -6.68 -2.90 -26.52
CA SER C 201 -5.30 -2.59 -26.88
C SER C 201 -5.29 -1.69 -28.10
N LEU C 202 -4.28 -0.82 -28.16
CA LEU C 202 -4.16 0.17 -29.22
C LEU C 202 -2.96 -0.14 -30.11
N ALA C 203 -3.15 0.06 -31.41
CA ALA C 203 -2.07 -0.15 -32.37
C ALA C 203 -1.06 0.98 -32.31
N PRO C 204 0.20 0.71 -32.70
CA PRO C 204 1.20 1.78 -32.70
C PRO C 204 0.85 2.96 -33.60
N ASP C 205 0.17 2.72 -34.72
CA ASP C 205 -0.20 3.79 -35.63
C ASP C 205 -1.39 4.61 -35.13
N THR C 206 -2.06 4.17 -34.07
CA THR C 206 -3.21 4.86 -33.49
C THR C 206 -4.33 5.04 -34.52
N ARG C 207 -4.45 4.11 -35.47
CA ARG C 207 -5.53 4.13 -36.44
C ARG C 207 -6.43 2.89 -36.35
N LEU C 208 -6.16 1.99 -35.42
CA LEU C 208 -6.98 0.80 -35.24
C LEU C 208 -6.77 0.28 -33.83
N PHE C 209 -7.74 -0.49 -33.35
CA PHE C 209 -7.65 -1.09 -32.03
C PHE C 209 -8.52 -2.34 -31.98
N VAL C 210 -8.13 -3.27 -31.11
CA VAL C 210 -8.83 -4.54 -30.95
C VAL C 210 -9.34 -4.66 -29.52
N SER C 211 -10.36 -5.49 -29.35
CA SER C 211 -10.97 -5.69 -28.05
C SER C 211 -11.42 -7.15 -27.91
N GLY C 212 -11.57 -7.59 -26.67
CA GLY C 212 -12.02 -8.94 -26.41
C GLY C 212 -13.05 -8.99 -25.30
N ALA C 213 -14.12 -9.74 -25.51
CA ALA C 213 -15.24 -9.81 -24.58
C ALA C 213 -15.38 -11.24 -24.05
N CYS C 214 -16.46 -11.48 -23.31
CA CYS C 214 -16.68 -12.74 -22.61
C CYS C 214 -17.34 -13.79 -23.50
N ASP C 215 -17.66 -13.46 -24.75
CA ASP C 215 -18.25 -14.43 -25.67
C ASP C 215 -17.20 -15.25 -26.42
N ALA C 216 -15.97 -15.29 -25.90
CA ALA C 216 -14.87 -16.04 -26.51
C ALA C 216 -14.64 -15.62 -27.97
N SER C 217 -14.46 -14.31 -28.17
CA SER C 217 -14.23 -13.77 -29.50
C SER C 217 -13.54 -12.43 -29.38
N ALA C 218 -12.96 -11.99 -30.50
CA ALA C 218 -12.31 -10.70 -30.58
C ALA C 218 -12.47 -10.15 -31.99
N LYS C 219 -12.37 -8.84 -32.11
CA LYS C 219 -12.55 -8.20 -33.41
C LYS C 219 -11.80 -6.88 -33.46
N LEU C 220 -11.48 -6.45 -34.68
CA LEU C 220 -10.73 -5.23 -34.92
C LEU C 220 -11.64 -4.11 -35.37
N TRP C 221 -11.38 -2.90 -34.90
CA TRP C 221 -12.18 -1.73 -35.20
C TRP C 221 -11.34 -0.69 -35.94
N ASP C 222 -12.03 0.17 -36.69
CA ASP C 222 -11.41 1.33 -37.32
C ASP C 222 -11.86 2.58 -36.58
N VAL C 223 -10.91 3.43 -36.21
CA VAL C 223 -11.23 4.63 -35.44
C VAL C 223 -11.98 5.64 -36.29
N ARG C 224 -11.52 5.87 -37.52
CA ARG C 224 -12.13 6.89 -38.37
C ARG C 224 -13.58 6.54 -38.71
N GLU C 225 -13.81 5.32 -39.18
CA GLU C 225 -15.15 4.84 -39.50
C GLU C 225 -15.50 3.71 -38.55
N GLY C 226 -16.61 3.85 -37.83
CA GLY C 226 -16.99 2.89 -36.81
C GLY C 226 -17.47 1.55 -37.33
N MET C 227 -16.61 0.87 -38.10
CA MET C 227 -16.95 -0.43 -38.67
C MET C 227 -15.96 -1.49 -38.19
N CYS C 228 -16.42 -2.73 -38.19
CA CYS C 228 -15.60 -3.88 -37.81
C CYS C 228 -15.13 -4.60 -39.07
N ARG C 229 -13.84 -4.94 -39.09
CA ARG C 229 -13.20 -5.51 -40.26
C ARG C 229 -12.98 -7.01 -40.20
N GLN C 230 -12.62 -7.55 -39.04
CA GLN C 230 -12.33 -8.97 -38.92
C GLN C 230 -12.75 -9.46 -37.55
N THR C 231 -12.91 -10.78 -37.44
CA THR C 231 -13.34 -11.41 -36.20
C THR C 231 -12.55 -12.69 -35.98
N PHE C 232 -12.20 -12.95 -34.71
CA PHE C 232 -11.45 -14.14 -34.33
C PHE C 232 -12.19 -14.88 -33.24
N THR C 233 -12.26 -16.22 -33.36
CA THR C 233 -13.07 -17.06 -32.48
C THR C 233 -12.26 -18.27 -32.02
N GLY C 234 -11.05 -18.02 -31.52
CA GLY C 234 -10.16 -19.10 -31.15
C GLY C 234 -10.41 -19.74 -29.80
N HIS C 235 -10.56 -18.94 -28.75
CA HIS C 235 -10.66 -19.46 -27.40
C HIS C 235 -12.03 -20.10 -27.15
N GLU C 236 -12.24 -20.56 -25.92
CA GLU C 236 -13.50 -21.17 -25.53
C GLU C 236 -14.03 -20.63 -24.20
N SER C 237 -13.46 -19.54 -23.68
CA SER C 237 -13.89 -18.98 -22.41
C SER C 237 -13.73 -17.46 -22.49
N ASP C 238 -13.87 -16.79 -21.34
CA ASP C 238 -13.80 -15.34 -21.31
C ASP C 238 -12.38 -14.85 -21.51
N ILE C 239 -12.22 -13.87 -22.40
CA ILE C 239 -10.91 -13.27 -22.66
C ILE C 239 -10.66 -12.19 -21.61
N ASN C 240 -9.44 -12.18 -21.06
CA ASN C 240 -9.08 -11.26 -20.00
C ASN C 240 -7.93 -10.32 -20.33
N ALA C 241 -7.15 -10.60 -21.38
CA ALA C 241 -6.01 -9.77 -21.71
C ALA C 241 -5.80 -9.75 -23.23
N ILE C 242 -5.19 -8.67 -23.70
CA ILE C 242 -4.89 -8.52 -25.14
C ILE C 242 -3.77 -7.50 -25.27
N CYS C 243 -2.95 -7.66 -26.30
CA CYS C 243 -1.81 -6.77 -26.51
C CYS C 243 -1.29 -6.93 -27.94
N PHE C 244 -1.05 -5.82 -28.61
CA PHE C 244 -0.51 -5.84 -29.96
C PHE C 244 0.96 -6.25 -29.97
N PHE C 245 1.35 -6.98 -31.02
CA PHE C 245 2.76 -7.22 -31.29
C PHE C 245 3.44 -5.89 -31.61
N PRO C 246 4.71 -5.72 -31.23
CA PRO C 246 5.39 -4.44 -31.51
C PRO C 246 5.43 -4.07 -32.97
N ASN C 247 5.51 -5.05 -33.88
CA ASN C 247 5.48 -4.74 -35.31
C ASN C 247 4.16 -4.11 -35.71
N GLY C 248 3.06 -4.62 -35.17
CA GLY C 248 1.74 -4.12 -35.50
C GLY C 248 0.92 -5.00 -36.43
N ASN C 249 1.36 -6.23 -36.67
CA ASN C 249 0.65 -7.16 -37.54
C ASN C 249 0.20 -8.42 -36.82
N ALA C 250 0.24 -8.43 -35.48
CA ALA C 250 -0.17 -9.60 -34.71
C ALA C 250 -0.53 -9.15 -33.30
N PHE C 251 -1.21 -10.03 -32.58
CA PHE C 251 -1.55 -9.78 -31.18
C PHE C 251 -1.79 -11.12 -30.49
N ALA C 252 -1.69 -11.09 -29.17
CA ALA C 252 -1.85 -12.28 -28.35
C ALA C 252 -2.85 -12.01 -27.23
N THR C 253 -3.73 -12.98 -26.99
CA THR C 253 -4.78 -12.88 -25.99
C THR C 253 -4.55 -13.89 -24.88
N GLY C 254 -5.40 -13.83 -23.85
CA GLY C 254 -5.37 -14.76 -22.75
C GLY C 254 -6.72 -14.92 -22.10
N SER C 255 -7.12 -16.17 -21.85
CA SER C 255 -8.46 -16.48 -21.35
C SER C 255 -8.37 -17.28 -20.06
N ASP C 256 -9.54 -17.69 -19.56
CA ASP C 256 -9.62 -18.51 -18.36
C ASP C 256 -9.41 -19.99 -18.65
N ASP C 257 -9.25 -20.36 -19.92
CA ASP C 257 -8.95 -21.73 -20.29
C ASP C 257 -7.51 -22.12 -20.02
N ALA C 258 -6.73 -21.25 -19.38
CA ALA C 258 -5.31 -21.48 -19.11
C ALA C 258 -4.53 -21.69 -20.40
N THR C 259 -4.81 -20.84 -21.39
CA THR C 259 -4.15 -20.92 -22.69
C THR C 259 -3.91 -19.50 -23.21
N CYS C 260 -2.90 -19.38 -24.08
CA CYS C 260 -2.59 -18.15 -24.79
C CYS C 260 -2.40 -18.47 -26.26
N ARG C 261 -2.88 -17.59 -27.12
CA ARG C 261 -2.84 -17.84 -28.56
C ARG C 261 -2.35 -16.59 -29.28
N LEU C 262 -1.76 -16.80 -30.46
CA LEU C 262 -1.24 -15.73 -31.29
C LEU C 262 -2.00 -15.70 -32.60
N PHE C 263 -2.45 -14.50 -32.98
CA PHE C 263 -3.23 -14.31 -34.20
C PHE C 263 -2.46 -13.39 -35.16
N ASP C 264 -2.72 -13.58 -36.46
CA ASP C 264 -2.10 -12.77 -37.50
C ASP C 264 -3.19 -11.98 -38.21
N LEU C 265 -2.97 -10.68 -38.37
CA LEU C 265 -3.98 -9.82 -39.01
C LEU C 265 -4.05 -10.07 -40.50
N ARG C 266 -2.91 -10.29 -41.15
CA ARG C 266 -2.89 -10.46 -42.59
C ARG C 266 -3.39 -11.83 -43.03
N ALA C 267 -3.19 -12.86 -42.21
CA ALA C 267 -3.68 -14.20 -42.53
C ALA C 267 -5.02 -14.52 -41.90
N ASP C 268 -5.36 -13.83 -40.80
CA ASP C 268 -6.66 -13.97 -40.14
C ASP C 268 -6.88 -15.39 -39.62
N GLN C 269 -5.88 -15.92 -38.92
CA GLN C 269 -6.01 -17.23 -38.30
C GLN C 269 -4.94 -17.38 -37.21
N GLU C 270 -5.17 -18.33 -36.32
CA GLU C 270 -4.25 -18.58 -35.22
C GLU C 270 -2.96 -19.23 -35.72
N LEU C 271 -1.91 -19.07 -34.92
CA LEU C 271 -0.61 -19.59 -35.31
C LEU C 271 0.02 -20.51 -34.26
N MET C 272 -0.18 -20.21 -32.97
CA MET C 272 0.47 -20.99 -31.93
C MET C 272 -0.37 -20.92 -30.65
N THR C 273 -0.18 -21.92 -29.79
CA THR C 273 -0.82 -21.98 -28.49
C THR C 273 0.23 -22.20 -27.41
N TYR C 274 0.02 -21.60 -26.25
CA TYR C 274 0.94 -21.65 -25.13
C TYR C 274 0.21 -22.26 -23.94
N SER C 275 0.38 -23.58 -23.74
CA SER C 275 -0.29 -24.30 -22.67
C SER C 275 0.60 -25.43 -22.17
N HIS C 276 0.41 -25.78 -20.90
CA HIS C 276 1.11 -26.90 -20.29
C HIS C 276 0.13 -27.70 -19.44
N ASP C 277 0.48 -28.97 -19.23
CA ASP C 277 -0.42 -29.86 -18.49
C ASP C 277 -0.44 -29.55 -17.00
N ASN C 278 0.63 -28.93 -16.48
CA ASN C 278 0.74 -28.65 -15.06
C ASN C 278 0.17 -27.30 -14.66
N ILE C 279 -0.38 -26.54 -15.61
CA ILE C 279 -0.98 -25.24 -15.34
C ILE C 279 -2.48 -25.35 -15.54
N ILE C 280 -3.24 -24.94 -14.52
CA ILE C 280 -4.69 -25.00 -14.56
C ILE C 280 -5.24 -23.60 -14.33
N CYS C 281 -4.47 -22.77 -13.65
CA CYS C 281 -4.90 -21.41 -13.32
C CYS C 281 -5.01 -20.55 -14.57
N GLY C 282 -5.91 -19.57 -14.52
CA GLY C 282 -6.13 -18.70 -15.65
C GLY C 282 -5.09 -17.60 -15.78
N ILE C 283 -5.26 -16.80 -16.82
CA ILE C 283 -4.36 -15.69 -17.14
C ILE C 283 -5.07 -14.38 -16.85
N THR C 284 -4.37 -13.47 -16.17
CA THR C 284 -4.93 -12.16 -15.83
C THR C 284 -4.25 -11.00 -16.55
N SER C 285 -3.05 -11.20 -17.10
CA SER C 285 -2.35 -10.14 -17.80
C SER C 285 -1.47 -10.75 -18.88
N VAL C 286 -1.10 -9.93 -19.86
CA VAL C 286 -0.24 -10.36 -20.96
C VAL C 286 0.54 -9.16 -21.46
N SER C 287 1.79 -9.40 -21.82
CA SER C 287 2.66 -8.33 -22.31
C SER C 287 3.76 -8.94 -23.17
N PHE C 288 4.34 -8.10 -24.01
CA PHE C 288 5.42 -8.49 -24.92
C PHE C 288 6.73 -7.85 -24.48
N SER C 289 7.76 -8.05 -25.29
CA SER C 289 9.08 -7.46 -25.09
C SER C 289 9.32 -6.41 -26.18
N LYS C 290 10.53 -5.83 -26.17
CA LYS C 290 10.86 -4.81 -27.15
C LYS C 290 10.97 -5.40 -28.55
N SER C 291 11.60 -6.57 -28.68
CA SER C 291 11.75 -7.23 -29.97
C SER C 291 10.65 -8.24 -30.26
N GLY C 292 9.80 -8.55 -29.26
CA GLY C 292 8.73 -9.50 -29.46
C GLY C 292 9.12 -10.95 -29.36
N ARG C 293 10.30 -11.25 -28.82
CA ARG C 293 10.73 -12.64 -28.65
C ARG C 293 10.21 -13.26 -27.37
N LEU C 294 9.97 -12.46 -26.34
CA LEU C 294 9.50 -12.95 -25.05
C LEU C 294 8.03 -12.58 -24.85
N LEU C 295 7.34 -13.39 -24.07
CA LEU C 295 5.94 -13.17 -23.73
C LEU C 295 5.74 -13.40 -22.25
N LEU C 296 5.25 -12.39 -21.54
CA LEU C 296 5.03 -12.47 -20.11
C LEU C 296 3.53 -12.48 -19.84
N ALA C 297 3.09 -13.45 -19.02
CA ALA C 297 1.66 -13.62 -18.73
C ALA C 297 1.50 -13.96 -17.26
N GLY C 298 0.82 -13.09 -16.52
CA GLY C 298 0.51 -13.38 -15.14
C GLY C 298 -0.54 -14.48 -15.02
N TYR C 299 -0.53 -15.16 -13.88
CA TYR C 299 -1.41 -16.30 -13.65
C TYR C 299 -2.08 -16.17 -12.29
N ASP C 300 -3.09 -17.01 -12.08
CA ASP C 300 -3.77 -17.12 -10.79
C ASP C 300 -3.00 -17.99 -9.80
N ASP C 301 -1.90 -18.60 -10.22
CA ASP C 301 -1.07 -19.44 -9.37
C ASP C 301 -0.04 -18.63 -8.58
N PHE C 302 -0.28 -17.34 -8.41
CA PHE C 302 0.55 -16.42 -7.62
C PHE C 302 1.92 -16.17 -8.23
N ASN C 303 2.12 -16.52 -9.50
CA ASN C 303 3.41 -16.33 -10.14
C ASN C 303 3.20 -16.04 -11.62
N CYS C 304 4.30 -15.68 -12.29
CA CYS C 304 4.29 -15.35 -13.71
C CYS C 304 5.26 -16.27 -14.46
N ASN C 305 5.07 -16.36 -15.76
CA ASN C 305 5.89 -17.20 -16.62
C ASN C 305 6.34 -16.42 -17.84
N VAL C 306 7.53 -16.78 -18.32
CA VAL C 306 8.12 -16.20 -19.53
C VAL C 306 8.27 -17.31 -20.56
N TRP C 307 7.73 -17.09 -21.76
CA TRP C 307 7.69 -18.11 -22.78
C TRP C 307 8.28 -17.57 -24.09
N ASP C 308 8.91 -18.47 -24.84
CA ASP C 308 9.45 -18.11 -26.15
C ASP C 308 8.32 -17.93 -27.15
N ALA C 309 8.37 -16.84 -27.90
CA ALA C 309 7.29 -16.53 -28.84
C ALA C 309 7.34 -17.46 -30.06
N LEU C 310 8.53 -17.70 -30.60
CA LEU C 310 8.66 -18.47 -31.82
C LEU C 310 8.84 -19.97 -31.59
N LYS C 311 9.01 -20.41 -30.34
CA LYS C 311 9.23 -21.81 -30.05
C LYS C 311 8.18 -22.44 -29.16
N ALA C 312 7.40 -21.64 -28.43
CA ALA C 312 6.30 -22.14 -27.59
C ALA C 312 6.81 -23.10 -26.51
N ASP C 313 7.78 -22.63 -25.72
CA ASP C 313 8.27 -23.37 -24.58
C ASP C 313 8.66 -22.40 -23.47
N ARG C 314 8.60 -22.89 -22.23
CA ARG C 314 8.86 -22.05 -21.08
C ARG C 314 10.36 -21.74 -20.97
N ALA C 315 10.68 -20.49 -20.63
CA ALA C 315 12.05 -20.04 -20.52
C ALA C 315 12.24 -19.17 -19.29
N GLY C 316 11.63 -19.56 -18.19
CA GLY C 316 11.82 -18.85 -16.93
C GLY C 316 10.54 -18.81 -16.13
N VAL C 317 10.68 -18.33 -14.89
CA VAL C 317 9.56 -18.20 -13.96
C VAL C 317 9.90 -17.12 -12.95
N LEU C 318 8.90 -16.32 -12.59
CA LEU C 318 9.07 -15.24 -11.63
C LEU C 318 8.18 -15.51 -10.42
N ALA C 319 8.79 -15.52 -9.23
CA ALA C 319 8.07 -15.76 -7.99
C ALA C 319 8.42 -14.67 -6.98
N GLY C 320 7.55 -14.53 -5.98
CA GLY C 320 7.76 -13.52 -4.96
C GLY C 320 6.48 -12.87 -4.47
N HIS C 321 5.37 -13.18 -5.10
CA HIS C 321 4.07 -12.62 -4.74
C HIS C 321 3.22 -13.68 -4.06
N ASP C 322 2.47 -13.27 -3.04
CA ASP C 322 1.66 -14.17 -2.23
C ASP C 322 0.18 -14.15 -2.63
N ASN C 323 -0.17 -13.53 -3.74
CA ASN C 323 -1.55 -13.44 -4.18
C ASN C 323 -1.58 -13.31 -5.70
N ARG C 324 -2.75 -12.98 -6.24
CA ARG C 324 -2.92 -12.87 -7.68
C ARG C 324 -2.05 -11.76 -8.25
N VAL C 325 -1.47 -12.02 -9.42
CA VAL C 325 -0.77 -10.99 -10.19
C VAL C 325 -1.82 -10.37 -11.12
N SER C 326 -2.34 -9.22 -10.73
CA SER C 326 -3.48 -8.62 -11.41
C SER C 326 -3.11 -7.66 -12.53
N CYS C 327 -1.82 -7.33 -12.69
CA CYS C 327 -1.43 -6.39 -13.72
C CYS C 327 0.03 -6.62 -14.09
N LEU C 328 0.40 -6.10 -15.25
CA LEU C 328 1.75 -6.28 -15.80
C LEU C 328 2.04 -5.12 -16.74
N GLY C 329 3.33 -4.91 -17.01
CA GLY C 329 3.73 -3.85 -17.91
C GLY C 329 5.22 -3.77 -18.15
N VAL C 330 5.62 -3.36 -19.35
CA VAL C 330 7.01 -3.25 -19.75
C VAL C 330 7.26 -1.83 -20.22
N THR C 331 8.43 -1.28 -19.87
CA THR C 331 8.76 0.08 -20.22
C THR C 331 8.95 0.23 -21.73
N ASP C 332 8.96 1.48 -22.19
CA ASP C 332 9.12 1.75 -23.62
C ASP C 332 10.48 1.29 -24.13
N ASP C 333 11.54 1.50 -23.35
CA ASP C 333 12.88 1.09 -23.72
C ASP C 333 13.18 -0.36 -23.35
N GLY C 334 12.25 -1.05 -22.69
CA GLY C 334 12.47 -2.43 -22.32
C GLY C 334 13.43 -2.63 -21.17
N MET C 335 13.64 -1.61 -20.33
CA MET C 335 14.63 -1.73 -19.27
C MET C 335 14.16 -2.64 -18.16
N ALA C 336 12.88 -2.58 -17.80
CA ALA C 336 12.38 -3.33 -16.66
C ALA C 336 10.92 -3.69 -16.88
N VAL C 337 10.43 -4.60 -16.04
CA VAL C 337 9.04 -5.05 -16.06
C VAL C 337 8.48 -4.91 -14.64
N ALA C 338 7.25 -4.42 -14.55
CA ALA C 338 6.61 -4.16 -13.26
C ALA C 338 5.42 -5.09 -13.07
N THR C 339 5.25 -5.56 -11.83
CA THR C 339 4.17 -6.46 -11.48
C THR C 339 3.41 -5.93 -10.28
N GLY C 340 2.08 -6.05 -10.33
CA GLY C 340 1.23 -5.69 -9.21
C GLY C 340 0.46 -6.89 -8.70
N SER C 341 0.01 -6.84 -7.45
CA SER C 341 -0.63 -8.01 -6.85
C SER C 341 -1.70 -7.57 -5.86
N TRP C 342 -2.53 -8.53 -5.46
CA TRP C 342 -3.55 -8.31 -4.45
C TRP C 342 -2.98 -8.13 -3.06
N ASP C 343 -1.69 -8.40 -2.87
CA ASP C 343 -1.04 -8.22 -1.58
C ASP C 343 -0.62 -6.78 -1.31
N SER C 344 -1.01 -5.84 -2.19
CA SER C 344 -0.67 -4.43 -2.05
C SER C 344 0.84 -4.22 -2.06
N PHE C 345 1.48 -4.69 -3.13
CA PHE C 345 2.91 -4.54 -3.31
C PHE C 345 3.22 -4.42 -4.79
N LEU C 346 4.30 -3.71 -5.09
CA LEU C 346 4.80 -3.54 -6.45
C LEU C 346 6.26 -3.90 -6.50
N LYS C 347 6.69 -4.53 -7.59
CA LYS C 347 8.07 -4.98 -7.75
C LYS C 347 8.57 -4.62 -9.13
N ILE C 348 9.87 -4.34 -9.22
CA ILE C 348 10.55 -4.01 -10.47
C ILE C 348 11.59 -5.10 -10.73
N TRP C 349 11.52 -5.71 -11.90
CA TRP C 349 12.42 -6.80 -12.26
C TRP C 349 13.30 -6.40 -13.43
N ASN C 350 14.52 -6.90 -13.43
CA ASN C 350 15.48 -6.61 -14.49
C ASN C 350 16.40 -7.80 -14.74
N SER D 8 -37.43 -9.29 -35.45
CA SER D 8 -36.00 -9.54 -35.38
C SER D 8 -35.38 -9.59 -36.77
N ILE D 9 -36.08 -9.00 -37.75
CA ILE D 9 -35.57 -8.97 -39.11
C ILE D 9 -34.34 -8.06 -39.20
N ALA D 10 -34.35 -6.95 -38.46
CA ALA D 10 -33.25 -5.99 -38.55
C ALA D 10 -31.93 -6.58 -38.10
N GLN D 11 -31.93 -7.34 -37.00
CA GLN D 11 -30.69 -7.91 -36.50
C GLN D 11 -30.16 -8.98 -37.46
N ALA D 12 -31.05 -9.79 -38.05
CA ALA D 12 -30.62 -10.78 -39.02
C ALA D 12 -30.04 -10.12 -40.26
N ARG D 13 -30.68 -9.04 -40.73
CA ARG D 13 -30.15 -8.32 -41.89
C ARG D 13 -28.79 -7.70 -41.57
N LYS D 14 -28.62 -7.14 -40.37
CA LYS D 14 -27.33 -6.58 -39.99
C LYS D 14 -26.26 -7.66 -39.93
N LEU D 15 -26.58 -8.82 -39.37
CA LEU D 15 -25.61 -9.92 -39.33
C LEU D 15 -25.23 -10.38 -40.72
N VAL D 16 -26.22 -10.50 -41.61
CA VAL D 16 -25.94 -10.92 -42.99
C VAL D 16 -25.06 -9.90 -43.70
N GLU D 17 -25.35 -8.60 -43.51
CA GLU D 17 -24.54 -7.56 -44.13
C GLU D 17 -23.11 -7.59 -43.59
N GLN D 18 -22.95 -7.78 -42.28
CA GLN D 18 -21.61 -7.85 -41.70
C GLN D 18 -20.84 -9.05 -42.24
N LEU D 19 -21.50 -10.20 -42.35
CA LEU D 19 -20.82 -11.37 -42.92
C LEU D 19 -20.44 -11.15 -44.37
N LYS D 20 -21.33 -10.52 -45.14
CA LYS D 20 -21.01 -10.23 -46.54
C LYS D 20 -19.86 -9.25 -46.68
N MET D 21 -19.75 -8.29 -45.75
CA MET D 21 -18.63 -7.37 -45.77
C MET D 21 -17.33 -8.05 -45.35
N GLU D 22 -17.42 -9.01 -44.42
CA GLU D 22 -16.24 -9.74 -43.97
C GLU D 22 -15.86 -10.90 -44.88
N ALA D 23 -16.66 -11.19 -45.90
CA ALA D 23 -16.40 -12.31 -46.79
C ALA D 23 -15.60 -11.93 -48.03
N ASN D 24 -15.12 -10.69 -48.13
CA ASN D 24 -14.40 -10.21 -49.29
C ASN D 24 -13.05 -9.61 -48.89
N ILE D 25 -12.37 -10.24 -47.95
CA ILE D 25 -11.06 -9.77 -47.50
C ILE D 25 -9.98 -10.45 -48.33
N ASP D 26 -8.77 -9.89 -48.31
CA ASP D 26 -7.62 -10.45 -49.02
C ASP D 26 -6.77 -11.28 -48.05
N ARG D 27 -6.34 -12.44 -48.52
CA ARG D 27 -5.62 -13.39 -47.68
C ARG D 27 -4.24 -13.67 -48.28
N ILE D 28 -3.27 -13.92 -47.38
CA ILE D 28 -1.92 -14.31 -47.76
C ILE D 28 -1.56 -15.59 -47.02
N LYS D 29 -0.49 -16.22 -47.47
CA LYS D 29 -0.08 -17.50 -46.90
C LYS D 29 0.49 -17.33 -45.50
N VAL D 30 0.43 -18.42 -44.72
CA VAL D 30 0.98 -18.41 -43.37
C VAL D 30 2.50 -18.32 -43.41
N SER D 31 3.14 -18.94 -44.39
CA SER D 31 4.60 -18.92 -44.48
C SER D 31 5.13 -17.50 -44.59
N LYS D 32 4.44 -16.64 -45.33
CA LYS D 32 4.87 -15.25 -45.45
C LYS D 32 4.83 -14.54 -44.11
N ALA D 33 3.75 -14.76 -43.34
CA ALA D 33 3.64 -14.12 -42.03
C ALA D 33 4.72 -14.63 -41.08
N ALA D 34 4.97 -15.94 -41.08
CA ALA D 34 6.00 -16.49 -40.22
C ALA D 34 7.38 -15.96 -40.60
N ALA D 35 7.66 -15.87 -41.91
CA ALA D 35 8.94 -15.33 -42.36
C ALA D 35 9.10 -13.87 -41.96
N ASP D 36 8.04 -13.08 -42.08
CA ASP D 36 8.11 -11.68 -41.67
C ASP D 36 8.36 -11.55 -40.17
N LEU D 37 7.69 -12.38 -39.37
CA LEU D 37 7.89 -12.34 -37.93
C LEU D 37 9.32 -12.71 -37.57
N MET D 38 9.85 -13.76 -38.19
CA MET D 38 11.24 -14.16 -37.93
C MET D 38 12.21 -13.07 -38.37
N ALA D 39 11.95 -12.45 -39.52
CA ALA D 39 12.82 -11.39 -40.01
C ALA D 39 12.87 -10.22 -39.03
N TYR D 40 11.70 -9.80 -38.53
CA TYR D 40 11.68 -8.72 -37.55
C TYR D 40 12.39 -9.14 -36.27
N CYS D 41 12.18 -10.38 -35.82
CA CYS D 41 12.78 -10.83 -34.56
C CYS D 41 14.30 -10.81 -34.64
N GLU D 42 14.87 -11.44 -35.66
CA GLU D 42 16.33 -11.43 -35.82
C GLU D 42 16.88 -10.14 -36.40
N ALA D 43 16.03 -9.19 -36.80
CA ALA D 43 16.51 -7.86 -37.15
C ALA D 43 16.59 -6.92 -35.96
N HIS D 44 15.71 -7.09 -34.97
CA HIS D 44 15.70 -6.22 -33.80
C HIS D 44 16.15 -6.91 -32.52
N ALA D 45 16.62 -8.16 -32.61
CA ALA D 45 17.12 -8.84 -31.42
C ALA D 45 18.37 -8.18 -30.84
N LYS D 46 19.11 -7.42 -31.64
CA LYS D 46 20.39 -6.87 -31.20
C LYS D 46 20.23 -5.75 -30.17
N GLU D 47 19.04 -5.18 -30.02
CA GLU D 47 18.84 -4.05 -29.12
C GLU D 47 17.77 -4.34 -28.06
N ASP D 48 17.66 -5.60 -27.64
CA ASP D 48 16.70 -5.97 -26.61
C ASP D 48 17.43 -6.22 -25.30
N PRO D 49 17.23 -5.38 -24.28
CA PRO D 49 17.97 -5.54 -23.02
C PRO D 49 17.42 -6.59 -22.07
N LEU D 50 16.48 -7.42 -22.52
CA LEU D 50 15.96 -8.51 -21.69
C LEU D 50 16.51 -9.87 -22.09
N LEU D 51 16.59 -10.15 -23.39
CA LEU D 51 17.25 -11.38 -23.83
C LEU D 51 18.76 -11.33 -23.58
N THR D 52 19.37 -10.16 -23.72
CA THR D 52 20.78 -9.97 -23.46
C THR D 52 20.96 -9.17 -22.19
N PRO D 53 21.58 -9.72 -21.14
CA PRO D 53 21.73 -8.96 -19.89
C PRO D 53 22.61 -7.74 -20.09
N VAL D 54 22.11 -6.59 -19.64
CA VAL D 54 22.86 -5.34 -19.74
C VAL D 54 23.97 -5.33 -18.70
N PRO D 55 25.16 -4.81 -19.01
CA PRO D 55 26.20 -4.69 -17.99
C PRO D 55 25.75 -3.78 -16.84
N ALA D 56 26.23 -4.09 -15.64
CA ALA D 56 25.83 -3.34 -14.45
C ALA D 56 26.26 -1.89 -14.50
N SER D 57 27.25 -1.54 -15.31
CA SER D 57 27.69 -0.16 -15.41
C SER D 57 26.59 0.74 -15.98
N GLU D 58 25.88 0.24 -17.00
CA GLU D 58 24.82 1.00 -17.65
C GLU D 58 23.44 0.68 -17.10
N ASN D 59 23.34 -0.16 -16.08
CA ASN D 59 22.04 -0.52 -15.52
C ASN D 59 21.53 0.60 -14.63
N PRO D 60 20.36 1.18 -14.92
CA PRO D 60 19.83 2.25 -14.07
C PRO D 60 19.20 1.74 -12.78
N PHE D 61 19.00 0.44 -12.62
CA PHE D 61 18.38 -0.13 -11.44
C PHE D 61 19.36 -0.94 -10.60
N ARG D 62 20.65 -0.79 -10.84
CA ARG D 62 21.66 -1.52 -10.09
C ARG D 62 22.03 -0.77 -8.81
N ASP E 1 -5.75 33.42 -10.31
CA ASP E 1 -5.20 34.75 -10.09
C ASP E 1 -4.27 34.77 -8.89
N VAL E 2 -3.02 34.37 -9.11
CA VAL E 2 -2.03 34.36 -8.04
C VAL E 2 -1.60 35.78 -7.71
N GLN E 3 -1.54 36.11 -6.43
CA GLN E 3 -1.18 37.45 -6.00
C GLN E 3 -0.45 37.37 -4.66
N LEU E 4 0.51 38.29 -4.48
CA LEU E 4 1.25 38.40 -3.23
C LEU E 4 1.46 39.88 -2.94
N VAL E 5 0.98 40.34 -1.79
CA VAL E 5 1.05 41.74 -1.40
C VAL E 5 1.85 41.84 -0.11
N GLU E 6 2.75 42.82 -0.04
CA GLU E 6 3.65 42.99 1.08
C GLU E 6 3.34 44.30 1.80
N SER E 7 3.59 44.29 3.11
CA SER E 7 3.42 45.49 3.93
C SER E 7 4.43 45.46 5.06
N GLY E 8 4.75 46.65 5.58
CA GLY E 8 5.66 46.74 6.69
C GLY E 8 6.94 47.51 6.40
N GLY E 9 6.88 48.46 5.47
CA GLY E 9 8.02 49.27 5.12
C GLY E 9 7.93 50.68 5.67
N GLY E 10 9.10 51.30 5.84
CA GLY E 10 9.15 52.65 6.35
C GLY E 10 10.56 53.02 6.79
N LEU E 11 10.64 54.04 7.62
CA LEU E 11 11.91 54.54 8.15
C LEU E 11 12.17 53.95 9.52
N VAL E 12 13.37 53.41 9.72
CA VAL E 12 13.75 52.74 10.95
C VAL E 12 15.04 53.35 11.45
N GLN E 13 15.07 53.74 12.72
CA GLN E 13 16.29 54.21 13.35
C GLN E 13 17.21 53.03 13.63
N PRO E 14 18.52 53.26 13.71
CA PRO E 14 19.44 52.15 14.02
C PRO E 14 19.14 51.53 15.38
N GLY E 15 19.29 50.21 15.45
CA GLY E 15 19.03 49.48 16.67
C GLY E 15 17.59 49.13 16.93
N GLY E 16 16.69 49.38 15.98
CA GLY E 16 15.29 49.07 16.13
C GLY E 16 14.93 47.67 15.69
N SER E 17 13.65 47.45 15.49
CA SER E 17 13.14 46.16 15.02
C SER E 17 11.82 46.38 14.30
N ARG E 18 11.61 45.59 13.25
CA ARG E 18 10.40 45.67 12.45
C ARG E 18 10.01 44.26 11.99
N LYS E 19 8.85 44.17 11.33
CA LYS E 19 8.35 42.92 10.80
C LYS E 19 7.80 43.14 9.41
N LEU E 20 7.83 42.09 8.60
CA LEU E 20 7.33 42.14 7.23
C LEU E 20 6.33 41.00 7.03
N SER E 21 5.28 41.28 6.26
CA SER E 21 4.22 40.32 6.01
C SER E 21 4.08 40.04 4.52
N CYS E 22 3.68 38.81 4.20
CA CYS E 22 3.47 38.38 2.82
C CYS E 22 2.15 37.62 2.78
N SER E 23 1.11 38.25 2.23
CA SER E 23 -0.21 37.65 2.17
C SER E 23 -0.42 36.99 0.81
N ALA E 24 -0.87 35.73 0.83
CA ALA E 24 -1.08 34.95 -0.37
C ALA E 24 -2.56 34.65 -0.56
N SER E 25 -3.01 34.69 -1.80
CA SER E 25 -4.41 34.40 -2.12
C SER E 25 -4.48 33.99 -3.58
N GLY E 26 -4.80 32.72 -3.84
CA GLY E 26 -4.96 32.25 -5.20
C GLY E 26 -4.29 30.91 -5.48
N PHE E 27 -3.68 30.31 -4.48
CA PHE E 27 -3.00 29.04 -4.65
C PHE E 27 -2.91 28.33 -3.31
N ALA E 28 -2.48 27.07 -3.36
CA ALA E 28 -2.31 26.26 -2.16
C ALA E 28 -1.03 26.68 -1.46
N PHE E 29 -1.17 27.40 -0.34
CA PHE E 29 -0.01 27.97 0.34
C PHE E 29 0.77 26.89 1.09
N SER E 30 0.09 25.88 1.60
CA SER E 30 0.73 24.91 2.49
C SER E 30 1.75 24.03 1.79
N SER E 31 1.73 23.98 0.45
CA SER E 31 2.60 23.08 -0.29
C SER E 31 3.76 23.79 -0.97
N PHE E 32 4.03 25.04 -0.62
CA PHE E 32 5.08 25.82 -1.26
C PHE E 32 6.09 26.32 -0.24
N GLY E 33 7.35 26.42 -0.67
CA GLY E 33 8.39 27.02 0.14
C GLY E 33 8.38 28.54 0.03
N MET E 34 9.24 29.18 0.83
CA MET E 34 9.30 30.62 0.87
C MET E 34 10.75 31.09 0.81
N HIS E 35 10.96 32.22 0.15
CA HIS E 35 12.25 32.87 0.08
C HIS E 35 12.06 34.37 0.26
N TRP E 36 13.15 35.06 0.63
CA TRP E 36 13.12 36.47 0.98
C TRP E 36 14.24 37.22 0.27
N VAL E 37 14.33 37.04 -1.04
CA VAL E 37 15.34 37.73 -1.84
C VAL E 37 15.17 39.23 -1.69
N ARG E 38 16.29 39.95 -1.60
CA ARG E 38 16.30 41.39 -1.44
C ARG E 38 17.27 42.00 -2.45
N GLN E 39 17.03 43.28 -2.77
CA GLN E 39 17.82 44.00 -3.76
C GLN E 39 18.21 45.36 -3.22
N ALA E 40 19.48 45.70 -3.38
CA ALA E 40 19.97 47.02 -3.01
C ALA E 40 19.38 48.07 -3.95
N PRO E 41 19.36 49.33 -3.53
CA PRO E 41 18.76 50.37 -4.40
C PRO E 41 19.40 50.47 -5.78
N GLU E 42 20.71 50.25 -5.88
CA GLU E 42 21.41 50.36 -7.15
C GLU E 42 22.41 49.22 -7.32
N LYS E 43 22.01 48.00 -6.99
CA LYS E 43 22.90 46.85 -7.10
C LYS E 43 22.04 45.62 -7.43
N GLY E 44 22.63 44.43 -7.25
CA GLY E 44 21.99 43.19 -7.62
C GLY E 44 21.19 42.56 -6.49
N LEU E 45 20.72 41.35 -6.75
CA LEU E 45 19.87 40.61 -5.82
C LEU E 45 20.71 39.80 -4.85
N GLU E 46 20.20 39.65 -3.62
CA GLU E 46 20.85 38.86 -2.60
C GLU E 46 19.81 38.01 -1.88
N TRP E 47 20.24 36.87 -1.38
CA TRP E 47 19.37 35.91 -0.70
C TRP E 47 19.44 36.10 0.81
N VAL E 48 18.32 35.88 1.49
CA VAL E 48 18.23 36.18 2.92
C VAL E 48 17.85 34.94 3.72
N ALA E 49 16.65 34.39 3.47
CA ALA E 49 16.12 33.35 4.32
C ALA E 49 15.29 32.37 3.50
N TYR E 50 15.08 31.19 4.08
CA TYR E 50 14.31 30.12 3.47
C TYR E 50 13.45 29.45 4.53
N ILE E 51 12.18 29.18 4.21
CA ILE E 51 11.26 28.49 5.10
C ILE E 51 10.64 27.34 4.32
N SER E 52 10.87 26.12 4.79
CA SER E 52 10.36 24.94 4.13
C SER E 52 8.90 24.68 4.51
N SER E 53 8.24 23.83 3.73
CA SER E 53 6.88 23.45 4.03
C SER E 53 6.83 22.60 5.29
N GLY E 54 5.89 22.91 6.18
CA GLY E 54 5.80 22.24 7.46
C GLY E 54 6.70 22.79 8.53
N SER E 55 7.42 23.88 8.26
CA SER E 55 8.32 24.51 9.23
C SER E 55 9.36 23.53 9.75
N GLY E 56 9.89 22.72 8.84
CA GLY E 56 10.89 21.73 9.21
C GLY E 56 12.31 22.24 9.20
N THR E 57 12.73 22.83 8.08
CA THR E 57 14.09 23.33 7.92
C THR E 57 14.07 24.82 7.63
N ILE E 58 14.94 25.55 8.31
CA ILE E 58 15.11 26.99 8.12
C ILE E 58 16.58 27.29 7.88
N TYR E 59 16.88 28.04 6.82
CA TYR E 59 18.24 28.40 6.47
C TYR E 59 18.37 29.92 6.44
N TYR E 60 19.56 30.40 6.83
CA TYR E 60 19.82 31.82 6.94
C TYR E 60 21.09 32.18 6.20
N ALA E 61 21.15 33.41 5.71
CA ALA E 61 22.38 33.93 5.14
C ALA E 61 23.41 34.18 6.22
N ASP E 62 24.68 34.01 5.87
CA ASP E 62 25.76 34.20 6.85
C ASP E 62 25.88 35.65 7.31
N THR E 63 25.34 36.60 6.55
CA THR E 63 25.43 38.01 6.92
C THR E 63 24.41 38.40 7.98
N VAL E 64 23.30 37.68 8.10
CA VAL E 64 22.22 38.06 9.00
C VAL E 64 21.88 36.91 9.94
N LYS E 65 22.80 35.95 10.07
CA LYS E 65 22.56 34.82 10.97
C LYS E 65 22.50 35.29 12.41
N GLY E 66 21.57 34.72 13.17
CA GLY E 66 21.39 35.12 14.55
C GLY E 66 20.76 36.47 14.75
N ARG E 67 20.18 37.06 13.70
CA ARG E 67 19.62 38.40 13.77
C ARG E 67 18.22 38.50 13.19
N PHE E 68 17.74 37.49 12.49
CA PHE E 68 16.41 37.52 11.87
C PHE E 68 15.76 36.16 12.01
N THR E 69 14.43 36.14 11.98
CA THR E 69 13.65 34.92 12.12
C THR E 69 12.59 34.87 11.03
N ILE E 70 12.29 33.65 10.57
CA ILE E 70 11.28 33.41 9.55
C ILE E 70 10.26 32.43 10.10
N SER E 71 8.98 32.74 9.89
CA SER E 71 7.90 31.90 10.38
C SER E 71 6.73 31.98 9.41
N ARG E 72 5.88 30.96 9.44
CA ARG E 72 4.74 30.84 8.55
C ARG E 72 3.48 30.54 9.36
N ASP E 73 2.38 31.19 8.97
CA ASP E 73 1.06 30.96 9.57
C ASP E 73 0.17 30.38 8.48
N ASP E 74 0.13 29.05 8.41
CA ASP E 74 -0.63 28.39 7.34
C ASP E 74 -2.12 28.70 7.37
N PRO E 75 -2.84 28.63 8.50
CA PRO E 75 -4.27 28.95 8.45
C PRO E 75 -4.58 30.37 8.00
N LYS E 76 -3.73 31.34 8.33
CA LYS E 76 -3.95 32.72 7.94
C LYS E 76 -3.29 33.09 6.62
N ASN E 77 -2.48 32.19 6.05
CA ASN E 77 -1.80 32.42 4.77
C ASN E 77 -0.95 33.70 4.83
N THR E 78 0.00 33.71 5.77
CA THR E 78 0.90 34.84 5.94
C THR E 78 2.31 34.34 6.16
N LEU E 79 3.28 35.14 5.73
CA LEU E 79 4.70 34.88 5.95
C LEU E 79 5.29 36.04 6.72
N PHE E 80 6.09 35.73 7.74
CA PHE E 80 6.63 36.75 8.64
C PHE E 80 8.15 36.76 8.58
N LEU E 81 8.73 37.93 8.82
CA LEU E 81 10.17 38.12 8.89
C LEU E 81 10.46 39.14 9.97
N GLN E 82 10.95 38.67 11.11
CA GLN E 82 11.25 39.53 12.25
C GLN E 82 12.75 39.76 12.33
N MET E 83 13.15 41.04 12.28
CA MET E 83 14.55 41.43 12.28
C MET E 83 14.83 42.33 13.47
N THR E 84 16.01 42.19 14.06
CA THR E 84 16.42 42.97 15.22
C THR E 84 17.76 43.63 14.95
N SER E 85 17.96 44.80 15.56
CA SER E 85 19.20 45.56 15.46
C SER E 85 19.54 45.88 14.01
N LEU E 86 18.66 46.64 13.37
CA LEU E 86 18.89 47.06 12.00
C LEU E 86 20.07 48.01 11.92
N ARG E 87 20.91 47.82 10.90
CA ARG E 87 22.08 48.64 10.67
C ARG E 87 21.91 49.44 9.38
N SER E 88 22.95 50.20 9.03
CA SER E 88 22.90 51.08 7.87
C SER E 88 23.04 50.33 6.55
N GLU E 89 23.45 49.06 6.57
CA GLU E 89 23.61 48.28 5.36
C GLU E 89 22.40 47.44 5.03
N ASP E 90 21.31 47.59 5.77
CA ASP E 90 20.11 46.79 5.58
C ASP E 90 19.04 47.48 4.75
N THR E 91 19.36 48.63 4.16
CA THR E 91 18.41 49.32 3.29
C THR E 91 18.36 48.61 1.94
N ALA E 92 17.16 48.20 1.54
CA ALA E 92 16.97 47.41 0.33
C ALA E 92 15.48 47.28 0.06
N MET E 93 15.14 46.59 -1.01
CA MET E 93 13.77 46.23 -1.35
C MET E 93 13.62 44.72 -1.24
N TYR E 94 12.62 44.28 -0.48
CA TYR E 94 12.48 42.87 -0.12
C TYR E 94 11.38 42.23 -0.95
N TYR E 95 11.67 41.06 -1.50
CA TYR E 95 10.75 40.34 -2.37
C TYR E 95 10.27 39.05 -1.71
N CYS E 96 9.15 38.54 -2.21
CA CYS E 96 8.51 37.34 -1.69
C CYS E 96 8.36 36.36 -2.84
N VAL E 97 9.04 35.23 -2.76
CA VAL E 97 9.09 34.27 -3.85
C VAL E 97 8.56 32.93 -3.36
N ARG E 98 7.94 32.18 -4.28
CA ARG E 98 7.41 30.86 -4.00
C ARG E 98 8.15 29.81 -4.83
N SER E 99 8.17 28.59 -4.32
CA SER E 99 8.84 27.49 -5.00
C SER E 99 8.27 26.16 -4.52
N ILE E 100 8.24 25.18 -5.43
CA ILE E 100 7.81 23.83 -5.12
C ILE E 100 8.89 22.87 -5.61
N TYR E 101 9.13 21.82 -4.84
CA TYR E 101 10.23 20.89 -5.10
C TYR E 101 9.69 19.48 -5.29
N TYR E 102 9.77 18.99 -6.52
CA TYR E 102 9.55 17.58 -6.83
C TYR E 102 10.14 17.32 -8.22
N TYR E 103 10.05 16.08 -8.66
CA TYR E 103 10.65 15.69 -9.94
C TYR E 103 9.91 16.38 -11.08
N GLY E 104 10.56 17.35 -11.71
CA GLY E 104 9.99 18.09 -12.81
C GLY E 104 9.43 19.45 -12.44
N SER E 105 9.55 19.86 -11.18
CA SER E 105 9.01 21.14 -10.75
C SER E 105 9.87 22.29 -11.27
N SER E 106 9.30 23.49 -11.22
CA SER E 106 9.97 24.72 -11.66
C SER E 106 10.00 25.70 -10.49
N PRO E 107 11.09 25.72 -9.71
CA PRO E 107 11.17 26.64 -8.58
C PRO E 107 11.27 28.09 -9.03
N PHE E 108 11.01 28.99 -8.08
CA PHE E 108 11.06 30.44 -8.32
C PHE E 108 10.12 30.84 -9.45
N ASP E 109 8.92 30.25 -9.47
CA ASP E 109 7.99 30.47 -10.57
C ASP E 109 7.40 31.88 -10.53
N PHE E 110 6.96 32.32 -9.36
CA PHE E 110 6.25 33.60 -9.23
C PHE E 110 6.93 34.49 -8.21
N TRP E 111 6.99 35.78 -8.51
CA TRP E 111 7.58 36.78 -7.64
C TRP E 111 6.53 37.79 -7.23
N GLY E 112 6.70 38.36 -6.04
CA GLY E 112 5.79 39.36 -5.51
C GLY E 112 6.01 40.73 -6.13
N GLN E 113 5.76 41.77 -5.35
CA GLN E 113 5.93 43.15 -5.79
C GLN E 113 7.13 43.83 -5.14
N GLY E 114 7.24 43.77 -3.82
CA GLY E 114 8.39 44.35 -3.14
C GLY E 114 7.99 45.53 -2.29
N THR E 115 8.63 45.65 -1.11
CA THR E 115 8.42 46.75 -0.21
C THR E 115 9.75 47.40 0.12
N THR E 116 9.76 48.73 0.22
CA THR E 116 10.98 49.46 0.51
C THR E 116 11.26 49.48 2.01
N LEU E 117 12.52 49.75 2.36
CA LEU E 117 12.93 49.84 3.74
C LEU E 117 14.22 50.66 3.79
N THR E 118 14.14 51.85 4.38
CA THR E 118 15.27 52.76 4.48
C THR E 118 15.60 53.02 5.93
N VAL E 119 16.89 53.04 6.25
CA VAL E 119 17.39 53.25 7.60
C VAL E 119 18.22 54.52 7.62
N SER E 120 17.88 55.44 8.52
CA SER E 120 18.63 56.67 8.66
C SER E 120 20.01 56.40 9.25
N SER E 121 20.98 57.18 8.80
CA SER E 121 22.36 57.03 9.28
C SER E 121 22.50 57.54 10.70
N SER E 136 34.41 29.13 1.42
CA SER E 136 33.44 28.06 1.22
C SER E 136 32.16 28.59 0.57
N ASP E 137 32.28 29.07 -0.66
CA ASP E 137 31.15 29.62 -1.38
C ASP E 137 31.43 29.53 -2.87
N ILE E 138 30.38 29.70 -3.67
CA ILE E 138 30.47 29.64 -5.13
C ILE E 138 30.34 31.05 -5.68
N VAL E 139 31.23 31.39 -6.61
CA VAL E 139 31.30 32.73 -7.19
C VAL E 139 30.82 32.66 -8.62
N MET E 140 29.82 33.47 -8.96
CA MET E 140 29.30 33.59 -10.31
C MET E 140 29.80 34.90 -10.91
N THR E 141 30.45 34.81 -12.07
CA THR E 141 31.09 35.96 -12.70
C THR E 141 30.43 36.27 -14.03
N GLN E 142 30.07 37.54 -14.22
CA GLN E 142 29.57 38.05 -15.49
C GLN E 142 30.47 39.19 -15.93
N ALA E 143 31.27 38.94 -16.97
CA ALA E 143 32.27 39.90 -17.44
C ALA E 143 31.69 40.97 -18.35
N THR E 144 30.38 41.16 -18.35
CA THR E 144 29.73 42.17 -19.17
C THR E 144 28.87 43.07 -18.28
N SER E 145 28.95 44.38 -18.52
CA SER E 145 28.18 45.35 -17.77
C SER E 145 27.19 46.13 -18.62
N SER E 146 27.55 46.49 -19.85
CA SER E 146 26.66 47.20 -20.74
C SER E 146 26.91 46.74 -22.16
N VAL E 147 25.85 46.63 -22.95
CA VAL E 147 25.94 46.20 -24.34
C VAL E 147 24.81 46.81 -25.15
N PRO E 148 25.10 47.42 -26.30
CA PRO E 148 24.03 47.96 -27.14
C PRO E 148 23.51 46.96 -28.15
N VAL E 149 22.20 47.04 -28.40
CA VAL E 149 21.52 46.15 -29.33
C VAL E 149 20.59 46.97 -30.22
N THR E 150 20.20 46.36 -31.34
CA THR E 150 19.26 46.95 -32.28
C THR E 150 18.14 45.97 -32.54
N PRO E 151 16.94 46.46 -32.85
CA PRO E 151 15.81 45.56 -33.12
C PRO E 151 16.10 44.65 -34.31
N GLY E 152 15.68 43.39 -34.19
CA GLY E 152 15.89 42.41 -35.23
C GLY E 152 17.23 41.71 -35.19
N GLU E 153 18.14 42.12 -34.31
CA GLU E 153 19.46 41.51 -34.21
C GLU E 153 19.44 40.41 -33.14
N SER E 154 20.62 39.92 -32.77
CA SER E 154 20.76 38.89 -31.76
C SER E 154 21.84 39.31 -30.76
N VAL E 155 21.65 38.88 -29.51
CA VAL E 155 22.59 39.17 -28.43
C VAL E 155 22.90 37.89 -27.68
N SER E 156 24.03 37.91 -26.98
CA SER E 156 24.46 36.75 -26.20
C SER E 156 24.99 37.22 -24.86
N ILE E 157 24.65 36.46 -23.80
CA ILE E 157 25.08 36.74 -22.45
C ILE E 157 25.78 35.50 -21.90
N SER E 158 26.85 35.71 -21.13
CA SER E 158 27.66 34.61 -20.63
C SER E 158 27.80 34.70 -19.12
N CYS E 159 27.98 33.54 -18.49
CA CYS E 159 28.21 33.44 -17.06
C CYS E 159 29.25 32.35 -16.80
N ARG E 160 29.87 32.40 -15.63
CA ARG E 160 30.88 31.43 -15.24
C ARG E 160 30.78 31.16 -13.75
N SER E 161 31.28 30.00 -13.35
CA SER E 161 31.25 29.58 -11.95
C SER E 161 32.61 29.03 -11.55
N SER E 162 32.92 29.14 -10.26
CA SER E 162 34.19 28.64 -9.75
C SER E 162 34.20 27.12 -9.66
N LYS E 163 33.09 26.53 -9.23
CA LYS E 163 32.96 25.08 -9.10
C LYS E 163 31.91 24.58 -10.07
N SER E 164 32.18 23.43 -10.70
CA SER E 164 31.26 22.89 -11.69
C SER E 164 29.91 22.55 -11.04
N LEU E 165 28.83 22.92 -11.73
CA LEU E 165 27.49 22.71 -11.24
C LEU E 165 26.86 21.42 -11.74
N LEU E 166 27.58 20.63 -12.54
CA LEU E 166 27.05 19.38 -13.06
C LEU E 166 27.18 18.29 -12.00
N HIS E 167 26.05 17.83 -11.49
CA HIS E 167 26.03 16.83 -10.43
C HIS E 167 26.18 15.44 -11.03
N SER E 168 26.32 14.43 -10.15
CA SER E 168 26.50 13.05 -10.60
C SER E 168 25.25 12.55 -11.33
N ASN E 169 24.07 12.95 -10.87
CA ASN E 169 22.83 12.48 -11.49
C ASN E 169 22.65 12.99 -12.91
N GLY E 170 23.39 14.02 -13.31
CA GLY E 170 23.31 14.56 -14.65
C GLY E 170 22.56 15.87 -14.78
N ASN E 171 22.16 16.49 -13.67
CA ASN E 171 21.41 17.74 -13.70
C ASN E 171 22.33 18.92 -13.40
N THR E 172 22.22 19.96 -14.21
CA THR E 172 22.95 21.21 -14.00
C THR E 172 21.98 22.24 -13.41
N TYR E 173 22.41 22.89 -12.33
CA TYR E 173 21.55 23.80 -11.58
C TYR E 173 21.93 25.23 -11.93
N LEU E 174 21.31 25.76 -12.99
CA LEU E 174 21.51 27.13 -13.42
C LEU E 174 20.18 27.74 -13.81
N TYR E 175 19.99 29.01 -13.46
CA TYR E 175 18.74 29.71 -13.71
C TYR E 175 19.03 31.06 -14.35
N TRP E 176 18.04 31.57 -15.09
CA TRP E 176 18.16 32.86 -15.76
C TRP E 176 16.90 33.68 -15.47
N PHE E 177 17.11 34.96 -15.15
CA PHE E 177 16.02 35.86 -14.80
C PHE E 177 16.14 37.15 -15.61
N LEU E 178 15.01 37.82 -15.80
CA LEU E 178 14.94 39.10 -16.49
C LEU E 178 14.11 40.07 -15.65
N GLN E 179 14.61 41.29 -15.49
CA GLN E 179 13.94 42.32 -14.70
C GLN E 179 13.75 43.56 -15.59
N ARG E 180 12.52 43.77 -16.05
CA ARG E 180 12.21 44.97 -16.81
C ARG E 180 12.22 46.19 -15.89
N PRO E 181 12.47 47.37 -16.44
CA PRO E 181 12.48 48.58 -15.61
C PRO E 181 11.13 48.80 -14.91
N GLY E 182 11.20 49.13 -13.63
CA GLY E 182 10.01 49.40 -12.85
C GLY E 182 9.05 48.23 -12.75
N GLN E 183 9.57 47.02 -12.59
CA GLN E 183 8.75 45.82 -12.53
C GLN E 183 9.42 44.83 -11.60
N SER E 184 8.99 43.57 -11.66
CA SER E 184 9.53 42.48 -10.86
C SER E 184 10.12 41.40 -11.77
N PRO E 185 11.21 40.76 -11.34
CA PRO E 185 11.85 39.76 -12.20
C PRO E 185 10.97 38.54 -12.40
N GLN E 186 11.20 37.86 -13.52
CA GLN E 186 10.50 36.64 -13.88
C GLN E 186 11.51 35.57 -14.28
N LEU E 187 11.02 34.35 -14.47
CA LEU E 187 11.86 33.21 -14.80
C LEU E 187 11.75 32.90 -16.28
N LEU E 188 12.90 32.67 -16.93
CA LEU E 188 12.95 32.33 -18.34
C LEU E 188 13.44 30.91 -18.57
N ILE E 189 14.63 30.56 -18.07
CA ILE E 189 15.22 29.25 -18.26
C ILE E 189 15.62 28.70 -16.90
N TYR E 190 15.22 27.46 -16.62
CA TYR E 190 15.61 26.77 -15.39
C TYR E 190 16.32 25.47 -15.74
N ARG E 191 17.39 25.18 -14.99
CA ARG E 191 18.24 24.00 -15.21
C ARG E 191 18.90 24.01 -16.58
N MET E 192 19.15 25.20 -17.12
CA MET E 192 20.06 25.44 -18.23
C MET E 192 19.51 24.96 -19.57
N SER E 193 18.37 24.26 -19.54
CA SER E 193 17.80 23.75 -20.79
C SER E 193 16.29 23.91 -20.90
N ASN E 194 15.55 24.02 -19.81
CA ASN E 194 14.10 24.03 -19.85
C ASN E 194 13.57 25.46 -19.89
N LEU E 195 12.54 25.67 -20.72
CA LEU E 195 11.92 26.98 -20.88
C LEU E 195 10.67 27.07 -20.02
N ALA E 196 10.54 28.18 -19.29
CA ALA E 196 9.41 28.36 -18.40
C ALA E 196 8.13 28.60 -19.20
N SER E 197 7.00 28.32 -18.55
CA SER E 197 5.70 28.47 -19.20
C SER E 197 5.36 29.94 -19.41
N GLY E 198 4.91 30.27 -20.61
CA GLY E 198 4.52 31.62 -20.96
C GLY E 198 5.59 32.40 -21.71
N VAL E 199 6.85 32.00 -21.61
CA VAL E 199 7.93 32.67 -22.32
C VAL E 199 7.90 32.26 -23.78
N PRO E 200 8.25 33.15 -24.71
CA PRO E 200 8.30 32.77 -26.12
C PRO E 200 9.48 31.86 -26.41
N ASP E 201 9.51 31.36 -27.65
CA ASP E 201 10.54 30.43 -28.09
C ASP E 201 11.80 31.13 -28.58
N ARG E 202 11.84 32.47 -28.52
CA ARG E 202 13.01 33.20 -29.01
C ARG E 202 14.23 33.02 -28.11
N PHE E 203 14.04 32.55 -26.88
CA PHE E 203 15.13 32.43 -25.91
C PHE E 203 15.50 30.97 -25.73
N SER E 204 16.80 30.71 -25.69
CA SER E 204 17.33 29.36 -25.48
C SER E 204 18.67 29.46 -24.77
N GLY E 205 18.97 28.46 -23.95
CA GLY E 205 20.20 28.46 -23.19
C GLY E 205 20.92 27.14 -23.32
N SER E 206 22.25 27.20 -23.25
CA SER E 206 23.08 26.02 -23.34
C SER E 206 24.41 26.29 -22.63
N GLY E 207 25.11 25.21 -22.31
CA GLY E 207 26.39 25.32 -21.64
C GLY E 207 27.00 23.96 -21.42
N SER E 208 28.22 23.96 -20.89
CA SER E 208 28.94 22.72 -20.62
C SER E 208 29.97 23.00 -19.54
N GLY E 209 29.72 22.49 -18.33
CA GLY E 209 30.67 22.63 -17.24
C GLY E 209 30.55 23.95 -16.49
N THR E 210 31.53 24.85 -16.70
CA THR E 210 31.57 26.12 -16.01
C THR E 210 31.35 27.30 -16.94
N ALA E 211 30.83 27.05 -18.15
CA ALA E 211 30.54 28.10 -19.11
C ALA E 211 29.10 27.95 -19.60
N PHE E 212 28.39 29.07 -19.64
CA PHE E 212 26.99 29.08 -20.06
C PHE E 212 26.73 30.26 -20.97
N THR E 213 25.71 30.13 -21.81
CA THR E 213 25.38 31.15 -22.80
C THR E 213 23.87 31.21 -22.98
N LEU E 214 23.37 32.43 -23.17
CA LEU E 214 21.95 32.66 -23.42
C LEU E 214 21.79 33.39 -24.74
N THR E 215 20.80 32.98 -25.52
CA THR E 215 20.54 33.53 -26.85
C THR E 215 19.22 34.30 -26.84
N ILE E 216 19.24 35.50 -27.40
CA ILE E 216 18.08 36.40 -27.39
C ILE E 216 17.68 36.74 -28.82
N SER E 217 17.83 35.78 -29.73
CA SER E 217 17.52 35.99 -31.15
C SER E 217 16.11 36.54 -31.32
N ARG E 218 15.92 37.30 -32.41
CA ARG E 218 14.68 38.02 -32.69
C ARG E 218 14.34 38.97 -31.55
N LEU E 219 15.26 39.91 -31.30
CA LEU E 219 15.12 40.85 -30.20
C LEU E 219 14.10 41.91 -30.54
N GLU E 220 13.08 42.05 -29.71
CA GLU E 220 12.05 43.06 -29.85
C GLU E 220 12.26 44.17 -28.83
N ALA E 221 11.32 45.12 -28.77
CA ALA E 221 11.45 46.26 -27.88
C ALA E 221 10.98 45.97 -26.46
N GLU E 222 10.48 44.76 -26.20
CA GLU E 222 10.02 44.36 -24.86
C GLU E 222 11.04 43.51 -24.12
N ASP E 223 12.26 43.36 -24.67
CA ASP E 223 13.30 42.54 -24.05
C ASP E 223 14.42 43.40 -23.46
N VAL E 224 14.14 44.65 -23.14
CA VAL E 224 15.14 45.54 -22.55
C VAL E 224 15.10 45.39 -21.04
N GLY E 225 16.27 45.13 -20.45
CA GLY E 225 16.35 44.95 -19.01
C GLY E 225 17.70 44.41 -18.60
N VAL E 226 17.73 43.80 -17.42
CA VAL E 226 18.94 43.24 -16.85
C VAL E 226 18.74 41.75 -16.62
N TYR E 227 19.73 40.95 -17.01
CA TYR E 227 19.66 39.50 -16.91
C TYR E 227 20.56 39.01 -15.79
N TYR E 228 20.11 37.98 -15.07
CA TYR E 228 20.83 37.42 -13.94
C TYR E 228 20.93 35.92 -14.07
N CYS E 229 22.05 35.37 -13.62
CA CYS E 229 22.27 33.93 -13.58
C CYS E 229 22.53 33.49 -12.14
N MET E 230 21.86 32.41 -11.73
CA MET E 230 21.87 31.96 -10.36
C MET E 230 22.11 30.45 -10.31
N GLN E 231 22.66 30.00 -9.18
CA GLN E 231 22.94 28.59 -8.95
C GLN E 231 22.09 28.09 -7.79
N HIS E 232 21.77 26.79 -7.83
CA HIS E 232 20.95 26.16 -6.80
C HIS E 232 21.57 24.84 -6.36
N LEU E 233 22.90 24.78 -6.33
CA LEU E 233 23.60 23.59 -5.88
C LEU E 233 23.81 23.61 -4.37
N GLU E 234 24.25 24.74 -3.83
CA GLU E 234 24.43 24.93 -2.40
C GLU E 234 23.38 25.89 -1.87
N TYR E 235 23.01 25.71 -0.61
CA TYR E 235 21.97 26.51 0.03
C TYR E 235 22.37 27.98 0.21
N PRO E 236 23.66 28.29 0.44
CA PRO E 236 24.03 29.72 0.30
C PRO E 236 23.99 30.16 -1.16
N LEU E 237 22.76 30.39 -1.64
CA LEU E 237 22.55 30.76 -3.03
C LEU E 237 23.27 32.07 -3.37
N THR E 238 23.84 32.13 -4.57
CA THR E 238 24.60 33.28 -5.01
C THR E 238 24.09 33.75 -6.37
N PHE E 239 24.15 35.05 -6.59
CA PHE E 239 23.69 35.69 -7.82
C PHE E 239 24.90 36.27 -8.57
N GLY E 240 24.61 36.95 -9.68
CA GLY E 240 25.62 37.61 -10.47
C GLY E 240 25.40 39.12 -10.49
N ALA E 241 26.35 39.80 -11.14
CA ALA E 241 26.27 41.26 -11.24
C ALA E 241 25.17 41.68 -12.20
N GLY E 242 25.04 41.00 -13.33
CA GLY E 242 24.02 41.31 -14.30
C GLY E 242 24.56 42.12 -15.47
N THR E 243 23.85 42.04 -16.59
CA THR E 243 24.21 42.75 -17.82
C THR E 243 23.03 43.60 -18.26
N LYS E 244 23.30 44.87 -18.56
CA LYS E 244 22.28 45.79 -19.03
C LYS E 244 22.19 45.74 -20.54
N LEU E 245 20.96 45.76 -21.05
CA LEU E 245 20.69 45.68 -22.49
C LEU E 245 19.78 46.84 -22.86
N GLU E 246 20.36 47.92 -23.37
CA GLU E 246 19.63 49.13 -23.70
C GLU E 246 19.63 49.34 -25.21
N LEU E 247 18.48 49.72 -25.75
CA LEU E 247 18.34 49.96 -27.18
C LEU E 247 18.90 51.32 -27.57
N TYR F 1 29.52 -9.82 61.10
CA TYR F 1 28.94 -11.10 60.74
C TYR F 1 27.76 -10.91 59.78
N SER F 2 28.08 -10.79 58.49
CA SER F 2 27.04 -10.59 57.47
C SER F 2 27.52 -11.25 56.18
N PHE F 3 27.10 -12.50 55.98
CA PHE F 3 27.43 -13.24 54.76
C PHE F 3 26.61 -14.51 54.73
N LYS F 4 26.04 -14.83 53.56
CA LYS F 4 25.27 -16.05 53.41
C LYS F 4 25.50 -16.79 52.10
N ASP F 5 26.39 -16.29 51.23
CA ASP F 5 26.78 -16.98 49.99
C ASP F 5 25.56 -17.32 49.12
N MET F 6 24.90 -16.27 48.66
CA MET F 6 23.75 -16.44 47.79
C MET F 6 24.21 -16.75 46.36
N PRO F 7 23.75 -17.86 45.75
CA PRO F 7 24.10 -18.27 44.39
C PRO F 7 23.76 -17.21 43.33
N ARG F 10 20.06 -16.09 41.91
CA ARG F 10 19.15 -15.38 42.80
C ARG F 10 19.56 -13.93 42.99
#